data_7AKZ
#
_entry.id   7AKZ
#
_cell.length_a   86.059
_cell.length_b   86.059
_cell.length_c   1049.830
_cell.angle_alpha   90.000
_cell.angle_beta   90.000
_cell.angle_gamma   120.000
#
_symmetry.space_group_name_H-M   'H 3 2'
#
loop_
_entity.id
_entity.type
_entity.pdbx_description
1 polymer 'Outer membrane protein OprM'
2 non-polymer 'PALMITIC ACID'
3 non-polymer 'octyl beta-D-glucopyranoside'
#
_entity_poly.entity_id   1
_entity_poly.type   'polypeptide(L)'
_entity_poly.pdbx_seq_one_letter_code
;CSLIPDYQRPEAPVAAAYPQGQAYGQNTGAAAVPAADIGWREFFRDPQLQQLIGVALENNRDLRVAALNVEAFRAQYRIQ
RADLFPRIGVDGSGTRQRLPGDLSTTGSPAISSQYGVTLGTTAWELDLFGRLRSLRDQALEQYLATEQAQRSAQTTLVAS
VATAYLTLKADQAQLQLTKDTLGTYQKSFDLTQRSYDVGVASALDLRQAQTAVEGARATLAQYTRLVAQDQNALVLLLGS
GIPANLPQGLGLDQTLLTEVPAGLPSDLLQRRPDILEAEHQLMAANASIGAARAAFFPSISLTANAGTMSRQLSGLFDAG
SGSWLFQPSINLPIFTAGSLRASLDYAKIQKDINVAQYEKAIQTAFQEVADGLAARGTFTEQLQAQRDLVKASDEYYQLA
DKLFRTGVDNYGTLLAAQASLFTAQQQLITDRLNQLTSEVNLYKALGGGWNQQTVTQQQTAKKEDPQAHHHHHH
;
_entity_poly.pdbx_strand_id   A,B
#
loop_
_chem_comp.id
_chem_comp.type
_chem_comp.name
_chem_comp.formula
BOG D-saccharide 'octyl beta-D-glucopyranoside' 'C14 H28 O6'
PLM non-polymer 'PALMITIC ACID' 'C16 H32 O2'
#
# COMPACT_ATOMS: atom_id res chain seq x y z
N CYS A 1 -24.92 60.13 42.46
CA CYS A 1 -24.58 60.18 41.06
C CYS A 1 -23.40 59.27 40.74
N SER A 2 -22.98 59.27 39.48
CA SER A 2 -21.86 58.43 39.04
C SER A 2 -21.02 59.20 38.03
N LEU A 3 -19.73 59.31 38.31
CA LEU A 3 -18.80 59.99 37.42
C LEU A 3 -17.96 59.01 36.60
N ILE A 4 -18.47 57.80 36.40
CA ILE A 4 -17.75 56.79 35.62
C ILE A 4 -17.97 57.09 34.13
N PRO A 5 -16.92 57.16 33.33
CA PRO A 5 -17.11 57.41 31.89
C PRO A 5 -17.79 56.23 31.20
N ASP A 6 -18.31 56.51 30.01
CA ASP A 6 -18.89 55.45 29.20
C ASP A 6 -17.81 54.46 28.79
N TYR A 7 -18.20 53.19 28.71
CA TYR A 7 -17.30 52.13 28.26
C TYR A 7 -17.59 51.82 26.80
N GLN A 8 -16.57 51.92 25.96
CA GLN A 8 -16.65 51.53 24.55
C GLN A 8 -15.57 50.47 24.30
N ARG A 9 -16.01 49.26 23.98
CA ARG A 9 -15.07 48.18 23.71
C ARG A 9 -14.19 48.55 22.52
N PRO A 10 -12.86 48.46 22.65
CA PRO A 10 -11.99 48.82 21.53
C PRO A 10 -12.16 47.86 20.36
N GLU A 11 -11.91 48.38 19.16
CA GLU A 11 -11.95 47.54 17.97
C GLU A 11 -10.85 46.49 18.05
N ALA A 12 -11.14 45.31 17.51
CA ALA A 12 -10.16 44.22 17.51
C ALA A 12 -9.01 44.57 16.57
N PRO A 13 -7.78 44.73 17.07
CA PRO A 13 -6.67 45.11 16.18
C PRO A 13 -6.10 43.91 15.44
N VAL A 14 -6.97 43.04 14.94
CA VAL A 14 -6.57 41.86 14.18
C VAL A 14 -7.27 41.88 12.83
N ALA A 15 -6.83 41.00 11.93
CA ALA A 15 -7.43 40.92 10.61
C ALA A 15 -8.86 40.41 10.70
N ALA A 16 -9.68 40.79 9.72
CA ALA A 16 -11.07 40.37 9.70
C ALA A 16 -11.21 38.87 9.53
N ALA A 17 -10.25 38.23 8.85
CA ALA A 17 -10.27 36.79 8.64
C ALA A 17 -8.89 36.22 8.95
N TYR A 18 -8.85 34.92 9.18
CA TYR A 18 -7.61 34.24 9.49
C TYR A 18 -6.71 34.18 8.25
N PRO A 19 -5.40 34.05 8.46
CA PRO A 19 -4.47 34.10 7.32
C PRO A 19 -4.71 32.99 6.32
N GLN A 20 -4.34 33.26 5.07
CA GLN A 20 -4.40 32.29 3.99
C GLN A 20 -3.04 32.16 3.34
N GLY A 21 -2.79 31.00 2.74
CA GLY A 21 -1.51 30.77 2.09
C GLY A 21 -1.33 29.31 1.76
N GLN A 22 -0.09 28.94 1.47
CA GLN A 22 0.23 27.56 1.11
C GLN A 22 0.02 26.60 2.26
N ALA A 23 -0.04 27.10 3.50
CA ALA A 23 -0.22 26.26 4.67
C ALA A 23 -1.63 26.28 5.23
N TYR A 24 -2.47 27.21 4.80
CA TYR A 24 -3.81 27.37 5.33
C TYR A 24 -4.85 26.91 4.31
N GLY A 25 -5.83 26.15 4.77
CA GLY A 25 -6.97 25.82 3.95
C GLY A 25 -7.91 27.00 3.81
N GLN A 26 -8.99 26.77 3.08
CA GLN A 26 -9.97 27.82 2.86
C GLN A 26 -10.67 28.19 4.17
N ASN A 27 -10.89 29.49 4.36
CA ASN A 27 -11.56 29.97 5.56
C ASN A 27 -12.99 29.47 5.60
N THR A 28 -13.35 28.80 6.70
CA THR A 28 -14.69 28.22 6.80
C THR A 28 -15.76 29.28 7.05
N GLY A 29 -15.39 30.39 7.69
CA GLY A 29 -16.34 31.45 7.97
C GLY A 29 -17.00 31.27 9.33
N ALA A 30 -18.14 31.94 9.49
CA ALA A 30 -18.87 31.88 10.75
C ALA A 30 -19.36 30.48 11.03
N ALA A 31 -19.16 30.01 12.26
CA ALA A 31 -19.52 28.66 12.66
C ALA A 31 -20.86 28.66 13.37
N ALA A 32 -21.70 27.66 13.04
CA ALA A 32 -22.98 27.52 13.71
C ALA A 32 -22.79 27.17 15.18
N VAL A 33 -22.07 26.09 15.46
CA VAL A 33 -21.69 25.72 16.82
C VAL A 33 -20.21 26.08 17.00
N PRO A 34 -19.90 27.19 17.68
CA PRO A 34 -18.50 27.61 17.80
C PRO A 34 -17.67 26.59 18.57
N ALA A 35 -16.35 26.78 18.49
CA ALA A 35 -15.42 25.84 19.11
C ALA A 35 -15.56 25.85 20.63
N ALA A 36 -15.77 27.03 21.21
CA ALA A 36 -15.86 27.12 22.67
C ALA A 36 -17.07 26.38 23.22
N ASP A 37 -18.11 26.19 22.41
CA ASP A 37 -19.32 25.49 22.84
C ASP A 37 -19.22 23.98 22.70
N ILE A 38 -18.24 23.46 21.97
CA ILE A 38 -18.05 22.02 21.83
C ILE A 38 -17.43 21.51 23.12
N GLY A 39 -18.17 20.67 23.85
CA GLY A 39 -17.68 20.16 25.11
C GLY A 39 -16.50 19.23 24.93
N TRP A 40 -15.63 19.20 25.96
CA TRP A 40 -14.46 18.34 25.90
C TRP A 40 -14.82 16.86 25.99
N ARG A 41 -16.00 16.53 26.50
CA ARG A 41 -16.47 15.15 26.46
C ARG A 41 -16.73 14.68 25.04
N GLU A 42 -17.02 15.59 24.12
CA GLU A 42 -17.23 15.25 22.72
C GLU A 42 -16.03 15.56 21.84
N PHE A 43 -15.19 16.52 22.23
CA PHE A 43 -13.97 16.77 21.48
C PHE A 43 -13.00 15.60 21.59
N PHE A 44 -12.78 15.12 22.81
CA PHE A 44 -11.89 13.98 23.06
C PHE A 44 -12.71 12.70 23.00
N ARG A 45 -12.38 11.82 22.06
CA ARG A 45 -13.11 10.58 21.87
C ARG A 45 -12.61 9.46 22.77
N ASP A 46 -11.37 9.54 23.23
CA ASP A 46 -10.81 8.52 24.11
C ASP A 46 -11.54 8.54 25.45
N PRO A 47 -12.24 7.46 25.83
CA PRO A 47 -12.96 7.50 27.11
C PRO A 47 -12.04 7.56 28.32
N GLN A 48 -10.90 6.85 28.27
CA GLN A 48 -9.93 6.94 29.35
C GLN A 48 -9.41 8.36 29.49
N LEU A 49 -9.17 9.04 28.38
CA LEU A 49 -8.75 10.44 28.44
C LEU A 49 -9.84 11.31 29.06
N GLN A 50 -11.10 11.02 28.76
CA GLN A 50 -12.20 11.77 29.35
C GLN A 50 -12.24 11.58 30.87
N GLN A 51 -12.08 10.33 31.33
CA GLN A 51 -12.07 10.08 32.77
C GLN A 51 -10.87 10.73 33.44
N LEU A 52 -9.72 10.73 32.76
CA LEU A 52 -8.54 11.40 33.31
C LEU A 52 -8.76 12.91 33.40
N ILE A 53 -9.38 13.50 32.38
CA ILE A 53 -9.67 14.93 32.41
C ILE A 53 -10.64 15.26 33.54
N GLY A 54 -11.61 14.37 33.79
CA GLY A 54 -12.52 14.57 34.91
C GLY A 54 -11.81 14.51 36.25
N VAL A 55 -10.95 13.50 36.41
CA VAL A 55 -10.16 13.38 37.64
C VAL A 55 -9.29 14.62 37.85
N ALA A 56 -8.73 15.15 36.76
CA ALA A 56 -7.92 16.35 36.86
C ALA A 56 -8.76 17.56 37.24
N LEU A 57 -9.92 17.72 36.62
CA LEU A 57 -10.81 18.82 36.97
C LEU A 57 -11.21 18.77 38.44
N GLU A 58 -11.36 17.56 38.98
CA GLU A 58 -11.79 17.43 40.37
C GLU A 58 -10.65 17.42 41.37
N ASN A 59 -9.40 17.22 40.93
CA ASN A 59 -8.29 17.07 41.86
C ASN A 59 -7.08 17.97 41.61
N ASN A 60 -6.99 18.63 40.46
CA ASN A 60 -5.83 19.49 40.20
C ASN A 60 -5.84 20.68 41.14
N ARG A 61 -4.71 20.93 41.79
CA ARG A 61 -4.63 21.98 42.80
C ARG A 61 -4.54 23.37 42.19
N ASP A 62 -3.93 23.50 41.01
CA ASP A 62 -3.87 24.81 40.36
C ASP A 62 -5.26 25.30 39.98
N LEU A 63 -6.09 24.41 39.43
CA LEU A 63 -7.48 24.79 39.16
C LEU A 63 -8.24 25.06 40.44
N ARG A 64 -7.89 24.39 41.53
CA ARG A 64 -8.51 24.66 42.82
C ARG A 64 -8.19 26.08 43.28
N VAL A 65 -6.93 26.50 43.14
CA VAL A 65 -6.54 27.87 43.49
C VAL A 65 -7.24 28.87 42.57
N ALA A 66 -7.33 28.54 41.28
CA ALA A 66 -7.99 29.43 40.33
C ALA A 66 -9.47 29.59 40.65
N ALA A 67 -10.10 28.54 41.17
CA ALA A 67 -11.51 28.64 41.57
C ALA A 67 -11.67 29.39 42.88
N LEU A 68 -10.72 29.22 43.81
CA LEU A 68 -10.79 29.91 45.09
C LEU A 68 -10.51 31.40 44.94
N ASN A 69 -9.72 31.79 43.93
CA ASN A 69 -9.51 33.22 43.69
C ASN A 69 -10.80 33.92 43.33
N VAL A 70 -11.70 33.23 42.62
CA VAL A 70 -13.00 33.81 42.31
C VAL A 70 -13.79 34.08 43.58
N GLU A 71 -13.75 33.12 44.53
CA GLU A 71 -14.40 33.33 45.82
C GLU A 71 -13.78 34.51 46.57
N ALA A 72 -12.46 34.62 46.53
CA ALA A 72 -11.78 35.71 47.24
C ALA A 72 -12.15 37.07 46.65
N PHE A 73 -12.18 37.17 45.32
CA PHE A 73 -12.56 38.44 44.69
C PHE A 73 -14.04 38.73 44.88
N ARG A 74 -14.88 37.71 44.97
CA ARG A 74 -16.28 37.91 45.34
C ARG A 74 -16.39 38.49 46.74
N ALA A 75 -15.60 37.96 47.67
CA ALA A 75 -15.60 38.50 49.04
C ALA A 75 -15.12 39.95 49.05
N GLN A 76 -14.10 40.26 48.26
CA GLN A 76 -13.60 41.63 48.21
C GLN A 76 -14.67 42.57 47.62
N TYR A 77 -15.35 42.14 46.57
CA TYR A 77 -16.44 42.93 46.02
C TYR A 77 -17.56 43.12 47.04
N ARG A 78 -17.85 42.11 47.83
CA ARG A 78 -18.89 42.24 48.85
C ARG A 78 -18.46 43.21 49.95
N ILE A 79 -17.17 43.23 50.28
CA ILE A 79 -16.66 44.23 51.22
C ILE A 79 -16.84 45.63 50.65
N GLN A 80 -16.45 45.82 49.39
CA GLN A 80 -16.58 47.15 48.78
C GLN A 80 -18.05 47.58 48.67
N ARG A 81 -18.95 46.62 48.44
CA ARG A 81 -20.38 46.92 48.39
C ARG A 81 -20.92 47.26 49.77
N ALA A 82 -20.40 46.60 50.82
CA ALA A 82 -20.80 46.94 52.17
C ALA A 82 -20.31 48.32 52.58
N ASP A 83 -19.16 48.74 52.03
CA ASP A 83 -18.60 50.05 52.36
C ASP A 83 -19.56 51.21 52.08
N LEU A 84 -20.67 50.96 51.38
CA LEU A 84 -21.60 52.04 51.07
C LEU A 84 -22.53 52.37 52.23
N PHE A 85 -22.91 51.38 53.01
CA PHE A 85 -23.90 51.58 54.06
C PHE A 85 -23.23 51.99 55.36
N PRO A 86 -23.95 52.70 56.24
CA PRO A 86 -23.35 53.16 57.50
C PRO A 86 -23.04 52.00 58.44
N ARG A 87 -21.89 52.09 59.10
CA ARG A 87 -21.44 51.10 60.07
C ARG A 87 -22.00 51.47 61.44
N ILE A 88 -23.09 50.82 61.83
CA ILE A 88 -23.78 51.13 63.07
C ILE A 88 -23.27 50.21 64.17
N GLY A 89 -22.76 50.80 65.25
CA GLY A 89 -22.24 50.05 66.37
C GLY A 89 -22.53 50.74 67.70
N VAL A 90 -22.19 50.04 68.77
CA VAL A 90 -22.33 50.55 70.14
C VAL A 90 -20.99 51.12 70.56
N ASP A 91 -20.98 52.40 70.90
CA ASP A 91 -19.79 53.12 71.34
C ASP A 91 -19.91 53.40 72.83
N GLY A 92 -18.95 52.88 73.60
CA GLY A 92 -18.85 53.17 75.01
C GLY A 92 -17.64 54.02 75.31
N SER A 93 -17.85 55.28 75.68
CA SER A 93 -16.77 56.23 75.87
C SER A 93 -16.72 56.71 77.32
N GLY A 94 -15.51 56.81 77.85
CA GLY A 94 -15.30 57.39 79.16
C GLY A 94 -14.18 58.41 79.10
N THR A 95 -14.31 59.44 79.93
CA THR A 95 -13.33 60.52 79.99
C THR A 95 -13.23 60.99 81.43
N ARG A 96 -12.00 61.06 81.93
CA ARG A 96 -11.74 61.56 83.27
C ARG A 96 -10.41 62.29 83.22
N GLN A 97 -10.43 63.60 83.45
CA GLN A 97 -9.23 64.40 83.28
C GLN A 97 -9.12 65.47 84.34
N ARG A 98 -7.89 65.72 84.79
CA ARG A 98 -7.60 66.81 85.71
C ARG A 98 -7.16 68.03 84.90
N LEU A 99 -7.79 69.17 85.17
CA LEU A 99 -7.47 70.42 84.52
C LEU A 99 -6.97 71.43 85.53
N PRO A 100 -5.97 72.24 85.17
CA PRO A 100 -5.47 73.27 86.09
C PRO A 100 -6.50 74.36 86.35
N GLY A 101 -6.12 75.37 87.13
CA GLY A 101 -7.07 76.41 87.51
C GLY A 101 -7.55 77.23 86.32
N ASP A 102 -6.60 77.69 85.49
CA ASP A 102 -6.93 78.59 84.39
C ASP A 102 -7.72 77.90 83.28
N LEU A 103 -7.84 76.58 83.30
CA LEU A 103 -8.57 75.85 82.26
C LEU A 103 -9.84 75.19 82.77
N SER A 104 -9.92 74.85 84.05
CA SER A 104 -11.13 74.25 84.60
C SER A 104 -12.23 75.31 84.72
N THR A 105 -13.46 74.82 84.88
CA THR A 105 -14.62 75.70 84.98
C THR A 105 -14.80 76.30 86.37
N THR A 106 -14.05 75.83 87.37
CA THR A 106 -14.18 76.31 88.74
C THR A 106 -13.14 77.34 89.11
N GLY A 107 -12.15 77.61 88.25
CA GLY A 107 -11.08 78.53 88.56
C GLY A 107 -9.91 77.92 89.31
N SER A 108 -10.08 76.72 89.86
CA SER A 108 -9.05 76.00 90.57
C SER A 108 -8.88 74.62 89.94
N PRO A 109 -7.74 73.95 90.16
CA PRO A 109 -7.56 72.61 89.60
C PRO A 109 -8.70 71.66 89.93
N ALA A 110 -9.31 71.06 88.92
CA ALA A 110 -10.51 70.26 89.10
C ALA A 110 -10.46 69.02 88.21
N ILE A 111 -11.05 67.94 88.70
CA ILE A 111 -11.12 66.68 87.97
C ILE A 111 -12.52 66.54 87.41
N SER A 112 -12.63 66.58 86.08
CA SER A 112 -13.90 66.44 85.39
C SER A 112 -14.03 65.03 84.82
N SER A 113 -15.28 64.59 84.66
CA SER A 113 -15.58 63.26 84.18
C SER A 113 -16.79 63.32 83.27
N GLN A 114 -16.92 62.30 82.43
CA GLN A 114 -17.99 62.24 81.44
C GLN A 114 -18.04 60.84 80.85
N TYR A 115 -19.22 60.23 80.86
CA TYR A 115 -19.38 58.87 80.39
C TYR A 115 -20.56 58.78 79.45
N GLY A 116 -20.48 57.88 78.48
CA GLY A 116 -21.56 57.70 77.53
C GLY A 116 -21.59 56.33 76.90
N VAL A 117 -22.80 55.81 76.67
CA VAL A 117 -23.01 54.56 75.94
C VAL A 117 -24.06 54.86 74.89
N THR A 118 -23.66 54.82 73.62
CA THR A 118 -24.51 55.23 72.53
C THR A 118 -24.50 54.21 71.41
N LEU A 119 -25.47 54.32 70.50
CA LEU A 119 -25.58 53.47 69.33
C LEU A 119 -25.67 54.36 68.11
N GLY A 120 -24.87 54.08 67.09
CA GLY A 120 -24.93 54.89 65.89
C GLY A 120 -23.72 54.66 65.00
N THR A 121 -23.52 55.60 64.07
CA THR A 121 -22.48 55.52 63.07
C THR A 121 -21.52 56.69 63.20
N THR A 122 -20.25 56.43 62.90
CA THR A 122 -19.17 57.39 63.00
C THR A 122 -18.55 57.59 61.63
N ALA A 123 -18.54 58.84 61.16
CA ALA A 123 -17.87 59.22 59.92
C ALA A 123 -18.38 58.40 58.72
N TRP A 124 -19.69 58.26 58.64
CA TRP A 124 -20.29 57.60 57.49
C TRP A 124 -20.19 58.50 56.26
N GLU A 125 -19.62 57.97 55.18
CA GLU A 125 -19.42 58.74 53.96
C GLU A 125 -20.66 58.60 53.07
N LEU A 126 -21.48 59.65 53.06
CA LEU A 126 -22.63 59.69 52.16
C LEU A 126 -22.14 59.75 50.72
N ASP A 127 -22.33 58.65 49.99
CA ASP A 127 -21.83 58.54 48.62
C ASP A 127 -22.76 59.29 47.67
N LEU A 128 -22.67 60.62 47.74
CA LEU A 128 -23.52 61.47 46.91
C LEU A 128 -23.02 61.53 45.47
N PHE A 129 -21.70 61.54 45.29
CA PHE A 129 -21.10 61.68 43.96
C PHE A 129 -20.48 60.38 43.45
N GLY A 130 -20.84 59.25 44.06
CA GLY A 130 -20.49 57.94 43.53
C GLY A 130 -19.02 57.58 43.58
N ARG A 131 -18.35 57.80 44.70
CA ARG A 131 -16.98 57.35 44.86
C ARG A 131 -16.95 55.89 45.31
N LEU A 132 -17.62 55.60 46.42
CA LEU A 132 -17.69 54.24 46.93
C LEU A 132 -18.41 53.31 45.95
N ARG A 133 -19.43 53.83 45.25
CA ARG A 133 -20.12 53.01 44.25
C ARG A 133 -19.19 52.69 43.07
N SER A 134 -18.35 53.65 42.68
CA SER A 134 -17.38 53.38 41.62
C SER A 134 -16.34 52.35 42.07
N LEU A 135 -15.87 52.45 43.31
CA LEU A 135 -14.97 51.44 43.83
C LEU A 135 -15.63 50.06 43.86
N ARG A 136 -16.92 50.02 44.23
CA ARG A 136 -17.65 48.76 44.25
C ARG A 136 -17.78 48.16 42.85
N ASP A 137 -18.05 49.02 41.85
CA ASP A 137 -18.14 48.52 40.47
C ASP A 137 -16.78 48.04 39.97
N GLN A 138 -15.71 48.71 40.37
CA GLN A 138 -14.36 48.23 40.05
C GLN A 138 -14.12 46.85 40.64
N ALA A 139 -14.49 46.66 41.91
CA ALA A 139 -14.34 45.35 42.54
C ALA A 139 -15.18 44.30 41.84
N LEU A 140 -16.39 44.67 41.41
CA LEU A 140 -17.25 43.72 40.70
C LEU A 140 -16.63 43.29 39.37
N GLU A 141 -16.07 44.25 38.62
CA GLU A 141 -15.44 43.91 37.35
C GLU A 141 -14.19 43.07 37.56
N GLN A 142 -13.44 43.34 38.64
CA GLN A 142 -12.29 42.50 38.95
C GLN A 142 -12.72 41.08 39.30
N TYR A 143 -13.86 40.94 40.00
CA TYR A 143 -14.38 39.61 40.28
C TYR A 143 -14.78 38.88 39.01
N LEU A 144 -15.45 39.58 38.09
CA LEU A 144 -15.80 38.96 36.82
C LEU A 144 -14.56 38.54 36.04
N ALA A 145 -13.51 39.37 36.09
CA ALA A 145 -12.25 39.02 35.46
C ALA A 145 -11.64 37.77 36.10
N THR A 146 -11.75 37.65 37.42
CA THR A 146 -11.24 36.46 38.09
C THR A 146 -12.02 35.22 37.67
N GLU A 147 -13.33 35.36 37.48
CA GLU A 147 -14.14 34.24 37.00
C GLU A 147 -13.70 33.81 35.60
N GLN A 148 -13.48 34.79 34.70
CA GLN A 148 -12.97 34.47 33.38
C GLN A 148 -11.59 33.82 33.45
N ALA A 149 -10.77 34.25 34.42
CA ALA A 149 -9.45 33.64 34.60
C ALA A 149 -9.59 32.19 35.04
N GLN A 150 -10.58 31.89 35.89
CA GLN A 150 -10.83 30.50 36.27
C GLN A 150 -11.22 29.66 35.05
N ARG A 151 -12.08 30.20 34.20
CA ARG A 151 -12.46 29.47 32.99
C ARG A 151 -11.25 29.21 32.10
N SER A 152 -10.40 30.22 31.91
CA SER A 152 -9.19 30.05 31.12
C SER A 152 -8.27 29.01 31.75
N ALA A 153 -8.18 29.00 33.08
CA ALA A 153 -7.36 28.01 33.77
C ALA A 153 -7.89 26.60 33.54
N GLN A 154 -9.21 26.43 33.53
CA GLN A 154 -9.77 25.10 33.26
C GLN A 154 -9.46 24.66 31.83
N THR A 155 -9.59 25.56 30.86
CA THR A 155 -9.24 25.21 29.49
C THR A 155 -7.77 24.81 29.38
N THR A 156 -6.89 25.58 30.04
CA THR A 156 -5.47 25.25 30.02
C THR A 156 -5.20 23.89 30.65
N LEU A 157 -5.88 23.59 31.76
CA LEU A 157 -5.68 22.30 32.43
C LEU A 157 -6.13 21.15 31.53
N VAL A 158 -7.27 21.30 30.87
CA VAL A 158 -7.75 20.26 29.96
C VAL A 158 -6.75 20.03 28.84
N ALA A 159 -6.26 21.11 28.23
CA ALA A 159 -5.29 20.98 27.16
C ALA A 159 -4.02 20.30 27.63
N SER A 160 -3.54 20.68 28.83
CA SER A 160 -2.30 20.11 29.34
C SER A 160 -2.45 18.63 29.67
N VAL A 161 -3.59 18.24 30.24
CA VAL A 161 -3.82 16.83 30.55
C VAL A 161 -3.89 16.01 29.28
N ALA A 162 -4.58 16.53 28.26
CA ALA A 162 -4.65 15.82 26.98
C ALA A 162 -3.26 15.69 26.35
N THR A 163 -2.45 16.76 26.41
CA THR A 163 -1.11 16.71 25.86
C THR A 163 -0.25 15.68 26.58
N ALA A 164 -0.33 15.65 27.92
CA ALA A 164 0.44 14.67 28.68
C ALA A 164 0.02 13.26 28.35
N TYR A 165 -1.29 13.02 28.23
CA TYR A 165 -1.79 11.69 27.88
C TYR A 165 -1.27 11.25 26.53
N LEU A 166 -1.36 12.14 25.52
CA LEU A 166 -0.91 11.78 24.18
C LEU A 166 0.59 11.59 24.12
N THR A 167 1.35 12.38 24.89
CA THR A 167 2.80 12.22 24.92
C THR A 167 3.19 10.90 25.56
N LEU A 168 2.54 10.52 26.67
CA LEU A 168 2.80 9.23 27.28
C LEU A 168 2.47 8.10 26.32
N LYS A 169 1.35 8.19 25.61
CA LYS A 169 0.99 7.13 24.67
C LYS A 169 1.99 7.05 23.52
N ALA A 170 2.45 8.19 23.02
CA ALA A 170 3.41 8.19 21.92
C ALA A 170 4.74 7.60 22.37
N ASP A 171 5.19 7.95 23.58
CA ASP A 171 6.45 7.38 24.07
C ASP A 171 6.32 5.89 24.37
N GLN A 172 5.14 5.43 24.79
CA GLN A 172 4.92 3.99 24.93
C GLN A 172 4.99 3.28 23.58
N ALA A 173 4.41 3.91 22.54
CA ALA A 173 4.52 3.34 21.20
C ALA A 173 5.98 3.28 20.74
N GLN A 174 6.74 4.34 21.02
CA GLN A 174 8.16 4.35 20.68
C GLN A 174 8.90 3.24 21.43
N LEU A 175 8.55 3.04 22.71
CA LEU A 175 9.21 1.99 23.49
C LEU A 175 8.90 0.60 22.93
N GLN A 176 7.65 0.38 22.51
CA GLN A 176 7.31 -0.92 21.93
C GLN A 176 8.02 -1.13 20.60
N LEU A 177 8.09 -0.09 19.77
CA LEU A 177 8.83 -0.19 18.52
C LEU A 177 10.30 -0.50 18.77
N THR A 178 10.89 0.14 19.79
CA THR A 178 12.28 -0.13 20.11
C THR A 178 12.47 -1.55 20.62
N LYS A 179 11.51 -2.06 21.41
CA LYS A 179 11.54 -3.45 21.83
C LYS A 179 11.58 -4.39 20.63
N ASP A 180 10.69 -4.15 19.67
CA ASP A 180 10.63 -5.02 18.49
C ASP A 180 11.92 -4.96 17.68
N THR A 181 12.44 -3.75 17.45
CA THR A 181 13.65 -3.61 16.66
C THR A 181 14.85 -4.21 17.38
N LEU A 182 14.91 -4.07 18.71
CA LEU A 182 16.00 -4.66 19.47
C LEU A 182 15.92 -6.19 19.43
N GLY A 183 14.71 -6.75 19.51
CA GLY A 183 14.58 -8.19 19.38
C GLY A 183 15.04 -8.68 18.02
N THR A 184 14.65 -7.96 16.96
CA THR A 184 15.12 -8.33 15.62
C THR A 184 16.63 -8.26 15.52
N TYR A 185 17.23 -7.19 16.06
CA TYR A 185 18.68 -7.04 16.00
C TYR A 185 19.38 -8.13 16.80
N GLN A 186 18.81 -8.53 17.94
CA GLN A 186 19.43 -9.58 18.75
C GLN A 186 19.34 -10.93 18.04
N LYS A 187 18.20 -11.23 17.42
CA LYS A 187 18.08 -12.44 16.63
C LYS A 187 19.11 -12.47 15.50
N SER A 188 19.24 -11.34 14.79
CA SER A 188 20.20 -11.27 13.70
C SER A 188 21.63 -11.41 14.19
N PHE A 189 21.94 -10.82 15.35
CA PHE A 189 23.28 -10.93 15.91
C PHE A 189 23.59 -12.36 16.34
N ASP A 190 22.60 -13.05 16.90
CA ASP A 190 22.81 -14.44 17.28
C ASP A 190 23.05 -15.32 16.05
N LEU A 191 22.28 -15.09 14.98
CA LEU A 191 22.51 -15.84 13.75
C LEU A 191 23.89 -15.53 13.17
N THR A 192 24.30 -14.25 13.20
CA THR A 192 25.61 -13.89 12.68
C THR A 192 26.73 -14.46 13.55
N GLN A 193 26.51 -14.60 14.86
CA GLN A 193 27.51 -15.22 15.72
C GLN A 193 27.63 -16.71 15.42
N ARG A 194 26.49 -17.39 15.28
CA ARG A 194 26.51 -18.78 14.85
C ARG A 194 27.27 -18.95 13.54
N SER A 195 27.06 -18.02 12.59
CA SER A 195 27.77 -18.09 11.32
C SER A 195 29.27 -17.85 11.50
N TYR A 196 29.63 -16.85 12.31
CA TYR A 196 31.03 -16.49 12.48
C TYR A 196 31.81 -17.61 13.15
N ASP A 197 31.19 -18.31 14.10
CA ASP A 197 31.89 -19.39 14.79
C ASP A 197 32.21 -20.57 13.87
N VAL A 198 31.64 -20.62 12.67
CA VAL A 198 31.91 -21.69 11.73
C VAL A 198 32.54 -21.12 10.46
N GLY A 199 33.39 -20.11 10.63
CA GLY A 199 34.16 -19.58 9.52
C GLY A 199 33.41 -18.67 8.57
N VAL A 200 32.10 -18.85 8.46
CA VAL A 200 31.29 -18.03 7.56
C VAL A 200 31.05 -16.66 8.19
N ALA A 201 30.79 -15.64 7.36
CA ALA A 201 30.47 -14.25 7.79
C ALA A 201 31.56 -13.56 8.62
N SER A 202 32.41 -12.78 7.94
CA SER A 202 33.56 -12.12 8.59
C SER A 202 33.18 -11.21 9.75
N ALA A 203 34.15 -11.01 10.66
CA ALA A 203 34.02 -10.17 11.86
C ALA A 203 33.35 -8.85 11.55
N LEU A 204 33.54 -8.31 10.33
CA LEU A 204 32.92 -7.03 10.01
C LEU A 204 31.42 -7.07 10.24
N ASP A 205 30.76 -8.11 9.72
CA ASP A 205 29.31 -8.24 9.90
C ASP A 205 28.96 -8.43 11.37
N LEU A 206 29.78 -9.16 12.11
CA LEU A 206 29.52 -9.38 13.54
C LEU A 206 29.60 -8.08 14.31
N ARG A 207 30.63 -7.27 14.04
CA ARG A 207 30.74 -5.98 14.71
C ARG A 207 29.60 -5.05 14.31
N GLN A 208 29.18 -5.11 13.05
CA GLN A 208 28.05 -4.30 12.60
C GLN A 208 26.78 -4.67 13.37
N ALA A 209 26.49 -5.97 13.47
CA ALA A 209 25.31 -6.41 14.22
C ALA A 209 25.42 -6.01 15.69
N GLN A 210 26.63 -6.07 16.26
CA GLN A 210 26.80 -5.69 17.65
C GLN A 210 26.52 -4.20 17.85
N THR A 211 27.01 -3.36 16.94
CA THR A 211 26.72 -1.93 17.02
C THR A 211 25.22 -1.67 16.95
N ALA A 212 24.53 -2.35 16.02
CA ALA A 212 23.08 -2.18 15.91
C ALA A 212 22.38 -2.57 17.21
N VAL A 213 22.78 -3.72 17.78
CA VAL A 213 22.16 -4.19 19.02
C VAL A 213 22.37 -3.19 20.15
N GLU A 214 23.60 -2.67 20.29
CA GLU A 214 23.87 -1.74 21.39
C GLU A 214 23.12 -0.42 21.22
N GLY A 215 23.02 0.06 19.98
CA GLY A 215 22.23 1.26 19.74
C GLY A 215 20.77 1.07 20.10
N ALA A 216 20.20 -0.07 19.68
CA ALA A 216 18.82 -0.36 20.03
C ALA A 216 18.64 -0.47 21.54
N ARG A 217 19.62 -1.05 22.24
CA ARG A 217 19.53 -1.17 23.69
C ARG A 217 19.54 0.19 24.38
N ALA A 218 20.44 1.08 23.94
CA ALA A 218 20.47 2.42 24.52
C ALA A 218 19.16 3.16 24.27
N THR A 219 18.63 3.07 23.04
CA THR A 219 17.35 3.72 22.76
C THR A 219 16.23 3.12 23.61
N LEU A 220 16.29 1.82 23.87
CA LEU A 220 15.30 1.16 24.72
C LEU A 220 15.32 1.74 26.13
N ALA A 221 16.51 1.85 26.71
CA ALA A 221 16.62 2.43 28.05
C ALA A 221 16.11 3.88 28.07
N GLN A 222 16.48 4.66 27.06
CA GLN A 222 16.04 6.05 26.99
C GLN A 222 14.50 6.14 26.96
N TYR A 223 13.88 5.34 26.11
CA TYR A 223 12.42 5.41 25.98
C TYR A 223 11.72 4.87 27.22
N THR A 224 12.31 3.90 27.90
CA THR A 224 11.76 3.45 29.18
C THR A 224 11.73 4.60 30.18
N ARG A 225 12.86 5.32 30.30
CA ARG A 225 12.88 6.47 31.20
C ARG A 225 11.87 7.52 30.79
N LEU A 226 11.74 7.77 29.48
CA LEU A 226 10.80 8.79 29.01
C LEU A 226 9.36 8.41 29.34
N VAL A 227 9.02 7.13 29.19
CA VAL A 227 7.67 6.67 29.52
C VAL A 227 7.40 6.84 31.02
N ALA A 228 8.36 6.45 31.86
CA ALA A 228 8.17 6.62 33.30
C ALA A 228 7.96 8.08 33.66
N GLN A 229 8.76 8.98 33.08
CA GLN A 229 8.64 10.39 33.42
C GLN A 229 7.36 11.01 32.87
N ASP A 230 6.89 10.53 31.71
CA ASP A 230 5.60 10.99 31.21
C ASP A 230 4.47 10.56 32.13
N GLN A 231 4.55 9.33 32.66
CA GLN A 231 3.54 8.91 33.64
C GLN A 231 3.59 9.80 34.88
N ASN A 232 4.80 10.13 35.34
CA ASN A 232 4.92 11.03 36.48
C ASN A 232 4.28 12.38 36.20
N ALA A 233 4.53 12.94 35.01
CA ALA A 233 3.96 14.25 34.66
C ALA A 233 2.44 14.18 34.57
N LEU A 234 1.90 13.09 34.03
CA LEU A 234 0.46 12.92 33.99
C LEU A 234 -0.12 12.86 35.39
N VAL A 235 0.54 12.12 36.29
CA VAL A 235 0.06 12.04 37.68
C VAL A 235 0.08 13.41 38.33
N LEU A 236 1.12 14.19 38.08
CA LEU A 236 1.18 15.54 38.64
C LEU A 236 0.05 16.41 38.11
N LEU A 237 -0.21 16.33 36.80
CA LEU A 237 -1.30 17.13 36.23
C LEU A 237 -2.66 16.69 36.76
N LEU A 238 -2.84 15.40 37.03
CA LEU A 238 -4.13 14.93 37.54
C LEU A 238 -4.39 15.41 38.96
N GLY A 239 -3.34 15.65 39.74
CA GLY A 239 -3.50 15.96 41.14
C GLY A 239 -3.90 14.78 42.00
N SER A 240 -3.91 13.58 41.45
CA SER A 240 -4.29 12.37 42.17
C SER A 240 -3.71 11.17 41.43
N GLY A 241 -3.86 10.01 42.06
CA GLY A 241 -3.38 8.79 41.45
C GLY A 241 -4.19 8.36 40.25
N ILE A 242 -3.59 7.54 39.41
CA ILE A 242 -4.27 7.03 38.22
C ILE A 242 -5.26 5.93 38.64
N PRO A 243 -6.53 6.05 38.28
CA PRO A 243 -7.50 5.00 38.66
C PRO A 243 -7.14 3.66 38.04
N ALA A 244 -7.56 2.59 38.71
CA ALA A 244 -7.26 1.23 38.29
C ALA A 244 -8.24 0.70 37.25
N ASN A 245 -9.50 1.09 37.31
CA ASN A 245 -10.52 0.60 36.38
C ASN A 245 -10.82 1.61 35.28
N LEU A 246 -9.77 2.12 34.63
CA LEU A 246 -9.96 3.04 33.54
C LEU A 246 -10.52 2.32 32.31
N PRO A 247 -11.32 3.00 31.50
CA PRO A 247 -11.84 2.38 30.28
C PRO A 247 -10.72 2.11 29.28
N GLN A 248 -11.07 1.39 28.22
CA GLN A 248 -10.12 1.04 27.18
C GLN A 248 -9.83 2.27 26.32
N GLY A 249 -8.56 2.68 26.27
CA GLY A 249 -8.19 3.83 25.48
C GLY A 249 -7.97 3.50 24.02
N LEU A 250 -8.02 4.54 23.19
CA LEU A 250 -7.82 4.39 21.76
C LEU A 250 -6.35 4.61 21.40
N GLY A 251 -5.91 3.91 20.36
CA GLY A 251 -4.54 4.04 19.91
C GLY A 251 -4.30 5.30 19.09
N LEU A 252 -3.01 5.61 18.90
CA LEU A 252 -2.65 6.81 18.15
C LEU A 252 -3.11 6.74 16.70
N ASP A 253 -3.17 5.55 16.13
CA ASP A 253 -3.57 5.39 14.73
C ASP A 253 -5.06 5.52 14.53
N GLN A 254 -5.83 5.82 15.58
CA GLN A 254 -7.28 5.99 15.47
C GLN A 254 -7.65 7.46 15.51
N THR A 255 -8.92 7.73 15.22
CA THR A 255 -9.45 9.09 15.26
C THR A 255 -9.71 9.46 16.72
N LEU A 256 -8.89 10.36 17.26
CA LEU A 256 -8.97 10.72 18.67
C LEU A 256 -9.74 12.01 18.93
N LEU A 257 -9.84 12.89 17.94
CA LEU A 257 -10.47 14.20 18.13
C LEU A 257 -11.53 14.43 17.06
N THR A 258 -12.47 15.29 17.37
CA THR A 258 -13.44 15.79 16.40
C THR A 258 -12.93 17.10 15.83
N GLU A 259 -12.95 17.21 14.49
CA GLU A 259 -12.45 18.42 13.85
C GLU A 259 -13.28 19.62 14.29
N VAL A 260 -12.61 20.62 14.84
CA VAL A 260 -13.26 21.78 15.44
C VAL A 260 -13.24 22.93 14.45
N PRO A 261 -14.35 23.67 14.31
CA PRO A 261 -14.36 24.78 13.36
C PRO A 261 -13.54 25.96 13.86
N ALA A 262 -12.98 26.70 12.90
CA ALA A 262 -12.17 27.87 13.25
C ALA A 262 -13.02 29.10 13.52
N GLY A 263 -14.15 29.23 12.82
CA GLY A 263 -14.98 30.41 12.99
C GLY A 263 -14.29 31.67 12.50
N LEU A 264 -14.83 32.80 12.93
CA LEU A 264 -14.25 34.10 12.62
C LEU A 264 -13.38 34.57 13.78
N PRO A 265 -12.41 35.45 13.50
CA PRO A 265 -11.63 36.05 14.60
C PRO A 265 -12.48 36.84 15.57
N SER A 266 -13.65 37.32 15.14
CA SER A 266 -14.54 38.04 16.04
C SER A 266 -15.15 37.13 17.10
N ASP A 267 -15.13 35.81 16.88
CA ASP A 267 -15.62 34.89 17.90
C ASP A 267 -14.74 34.90 19.14
N LEU A 268 -13.47 35.29 19.01
CA LEU A 268 -12.58 35.33 20.17
C LEU A 268 -12.99 36.41 21.16
N LEU A 269 -13.59 37.49 20.68
CA LEU A 269 -13.99 38.59 21.56
C LEU A 269 -15.11 38.20 22.50
N GLN A 270 -15.83 37.12 22.21
CA GLN A 270 -16.95 36.67 23.04
C GLN A 270 -16.80 35.26 23.56
N ARG A 271 -15.86 34.47 23.04
CA ARG A 271 -15.75 33.06 23.41
C ARG A 271 -14.46 32.70 24.12
N ARG A 272 -13.40 33.50 23.99
CA ARG A 272 -12.15 33.11 24.65
C ARG A 272 -12.10 33.70 26.06
N PRO A 273 -11.77 32.90 27.08
CA PRO A 273 -11.89 33.39 28.46
C PRO A 273 -10.93 34.51 28.81
N ASP A 274 -9.66 34.42 28.41
CA ASP A 274 -8.70 35.44 28.84
C ASP A 274 -8.98 36.80 28.21
N ILE A 275 -9.57 36.82 27.01
CA ILE A 275 -9.96 38.08 26.40
C ILE A 275 -11.06 38.75 27.21
N LEU A 276 -12.05 37.98 27.67
CA LEU A 276 -13.07 38.52 28.54
C LEU A 276 -12.49 38.94 29.90
N GLU A 277 -11.48 38.22 30.37
CA GLU A 277 -10.79 38.63 31.59
C GLU A 277 -10.15 40.00 31.43
N ALA A 278 -9.45 40.21 30.31
CA ALA A 278 -8.86 41.51 30.03
C ALA A 278 -9.93 42.59 29.89
N GLU A 279 -11.06 42.25 29.27
CA GLU A 279 -12.14 43.22 29.12
C GLU A 279 -12.71 43.62 30.47
N HIS A 280 -12.89 42.66 31.37
CA HIS A 280 -13.40 42.98 32.70
C HIS A 280 -12.38 43.79 33.50
N GLN A 281 -11.09 43.52 33.32
CA GLN A 281 -10.07 44.36 33.95
C GLN A 281 -10.14 45.79 33.41
N LEU A 282 -10.40 45.94 32.11
CA LEU A 282 -10.55 47.26 31.52
C LEU A 282 -11.75 48.00 32.11
N MET A 283 -12.88 47.30 32.26
CA MET A 283 -14.05 47.94 32.86
C MET A 283 -13.81 48.28 34.32
N ALA A 284 -13.01 47.47 35.03
CA ALA A 284 -12.63 47.81 36.39
C ALA A 284 -11.79 49.09 36.42
N ALA A 285 -10.85 49.23 35.48
CA ALA A 285 -10.09 50.47 35.40
C ALA A 285 -10.99 51.66 35.09
N ASN A 286 -12.03 51.44 34.28
CA ASN A 286 -13.00 52.50 34.01
C ASN A 286 -13.71 52.94 35.29
N ALA A 287 -14.16 51.97 36.08
CA ALA A 287 -14.80 52.30 37.35
C ALA A 287 -13.82 53.01 38.30
N SER A 288 -12.55 52.63 38.25
CA SER A 288 -11.54 53.32 39.06
C SER A 288 -11.37 54.76 38.60
N ILE A 289 -11.45 54.99 37.28
CA ILE A 289 -11.45 56.37 36.77
C ILE A 289 -12.62 57.15 37.35
N GLY A 290 -13.80 56.53 37.37
CA GLY A 290 -14.95 57.18 37.98
C GLY A 290 -14.72 57.54 39.44
N ALA A 291 -14.16 56.60 40.20
CA ALA A 291 -13.89 56.86 41.62
C ALA A 291 -12.89 57.98 41.80
N ALA A 292 -11.86 58.03 40.95
CA ALA A 292 -10.87 59.10 41.02
C ALA A 292 -11.38 60.51 40.76
N ARG A 293 -12.28 60.66 39.79
CA ARG A 293 -12.89 61.97 39.54
C ARG A 293 -13.91 62.40 40.61
N ALA A 294 -14.47 61.39 41.29
CA ALA A 294 -15.45 61.65 42.34
C ALA A 294 -14.73 62.40 43.46
N ALA A 295 -13.39 62.50 43.41
CA ALA A 295 -12.65 63.16 44.48
C ALA A 295 -12.66 64.68 44.37
N PHE A 296 -12.87 65.23 43.17
CA PHE A 296 -12.91 66.68 43.01
C PHE A 296 -14.17 67.29 43.62
N PHE A 297 -15.22 66.52 43.80
CA PHE A 297 -16.52 67.01 44.21
C PHE A 297 -16.68 66.93 45.73
N PRO A 298 -17.62 67.68 46.30
CA PRO A 298 -17.75 67.73 47.76
C PRO A 298 -18.01 66.35 48.37
N SER A 299 -17.30 66.08 49.46
CA SER A 299 -17.48 64.86 50.24
C SER A 299 -18.34 65.16 51.46
N ILE A 300 -19.27 64.26 51.75
CA ILE A 300 -20.23 64.43 52.84
C ILE A 300 -20.04 63.33 53.86
N SER A 301 -19.84 63.71 55.11
CA SER A 301 -19.70 62.77 56.21
C SER A 301 -20.81 63.01 57.23
N LEU A 302 -21.17 61.95 57.94
CA LEU A 302 -22.24 62.01 58.93
C LEU A 302 -21.84 61.21 60.16
N THR A 303 -21.87 61.86 61.32
CA THR A 303 -21.66 61.20 62.61
C THR A 303 -22.94 61.32 63.40
N ALA A 304 -23.66 60.21 63.57
CA ALA A 304 -24.98 60.27 64.18
C ALA A 304 -25.15 59.14 65.17
N ASN A 305 -25.53 59.48 66.40
CA ASN A 305 -25.69 58.46 67.44
C ASN A 305 -26.82 58.87 68.37
N ALA A 306 -27.29 57.90 69.15
CA ALA A 306 -28.28 58.14 70.18
C ALA A 306 -28.05 57.14 71.31
N GLY A 307 -28.18 57.61 72.55
CA GLY A 307 -27.95 56.74 73.69
C GLY A 307 -28.07 57.45 75.02
N THR A 308 -27.23 57.09 75.98
CA THR A 308 -27.24 57.68 77.31
C THR A 308 -25.89 58.32 77.60
N MET A 309 -25.93 59.46 78.29
CA MET A 309 -24.73 60.19 78.69
C MET A 309 -24.93 60.71 80.10
N SER A 310 -23.82 60.85 80.83
CA SER A 310 -23.90 61.33 82.20
C SER A 310 -22.54 61.86 82.62
N ARG A 311 -22.55 62.59 83.74
CA ARG A 311 -21.31 63.04 84.34
C ARG A 311 -20.75 61.99 85.29
N GLN A 312 -21.62 61.23 85.94
CA GLN A 312 -21.24 60.11 86.80
C GLN A 312 -21.45 58.80 86.07
N LEU A 313 -20.70 57.78 86.51
CA LEU A 313 -20.93 56.44 86.00
C LEU A 313 -22.24 55.86 86.52
N SER A 314 -22.65 56.27 87.73
CA SER A 314 -23.92 55.82 88.28
C SER A 314 -25.11 56.46 87.55
N GLY A 315 -24.91 57.60 86.90
CA GLY A 315 -25.94 58.24 86.12
C GLY A 315 -26.20 57.65 84.77
N LEU A 316 -25.43 56.63 84.37
CA LEU A 316 -25.67 55.97 83.09
C LEU A 316 -26.94 55.14 83.15
N PHE A 317 -27.71 55.20 82.06
CA PHE A 317 -28.98 54.49 81.88
C PHE A 317 -30.05 54.94 82.87
N ASP A 318 -29.85 56.09 83.50
CA ASP A 318 -30.91 56.69 84.33
C ASP A 318 -31.87 57.48 83.44
N ALA A 319 -33.12 57.55 83.89
CA ALA A 319 -34.12 58.32 83.16
C ALA A 319 -33.73 59.80 83.13
N GLY A 320 -33.79 60.39 81.94
CA GLY A 320 -33.36 61.76 81.76
C GLY A 320 -31.94 61.91 81.27
N SER A 321 -31.15 60.83 81.23
CA SER A 321 -29.79 60.85 80.72
C SER A 321 -29.73 60.59 79.22
N GLY A 322 -30.87 60.58 78.53
CA GLY A 322 -30.86 60.35 77.11
C GLY A 322 -30.16 61.47 76.35
N SER A 323 -29.62 61.12 75.20
CA SER A 323 -28.87 62.07 74.39
C SER A 323 -28.83 61.58 72.96
N TRP A 324 -28.63 62.53 72.04
CA TRP A 324 -28.43 62.19 70.64
C TRP A 324 -27.50 63.22 70.01
N LEU A 325 -26.75 62.79 69.01
CA LEU A 325 -25.81 63.63 68.30
C LEU A 325 -26.02 63.46 66.80
N PHE A 326 -26.15 64.59 66.10
CA PHE A 326 -26.26 64.64 64.65
C PHE A 326 -25.22 65.62 64.14
N GLN A 327 -24.23 65.13 63.41
CA GLN A 327 -23.08 65.91 62.99
C GLN A 327 -22.83 65.70 61.51
N PRO A 328 -23.40 66.54 60.65
CA PRO A 328 -23.04 66.51 59.23
C PRO A 328 -21.82 67.36 58.93
N SER A 329 -21.09 66.94 57.89
CA SER A 329 -19.88 67.63 57.47
C SER A 329 -19.80 67.60 55.94
N ILE A 330 -19.43 68.73 55.36
CA ILE A 330 -19.24 68.85 53.92
C ILE A 330 -17.88 69.47 53.66
N ASN A 331 -17.06 68.80 52.86
CA ASN A 331 -15.74 69.30 52.50
C ASN A 331 -15.65 69.44 50.98
N LEU A 332 -15.02 70.53 50.54
CA LEU A 332 -14.81 70.78 49.12
C LEU A 332 -13.36 71.15 48.89
N PRO A 333 -12.58 70.31 48.21
CA PRO A 333 -11.18 70.64 47.93
C PRO A 333 -11.07 71.86 47.02
N ILE A 334 -10.26 72.82 47.43
CA ILE A 334 -10.03 74.04 46.67
C ILE A 334 -8.63 74.06 46.06
N PHE A 335 -7.61 73.83 46.90
CA PHE A 335 -6.23 73.80 46.44
C PHE A 335 -5.62 72.46 46.83
N THR A 336 -5.36 71.62 45.82
CA THR A 336 -4.57 70.40 45.97
C THR A 336 -3.47 70.51 44.93
N ALA A 337 -2.23 70.79 45.39
CA ALA A 337 -1.13 71.14 44.52
C ALA A 337 -1.42 69.84 43.77
N GLY A 338 -1.85 69.96 42.52
CA GLY A 338 -1.76 68.95 41.48
C GLY A 338 -2.17 67.55 41.87
N SER A 339 -2.58 67.33 43.12
CA SER A 339 -2.71 65.98 43.67
C SER A 339 -3.89 65.24 43.05
N LEU A 340 -5.08 65.86 43.09
CA LEU A 340 -6.26 65.23 42.50
C LEU A 340 -6.10 65.07 40.99
N ARG A 341 -5.51 66.06 40.32
CA ARG A 341 -5.29 65.96 38.88
C ARG A 341 -4.33 64.83 38.56
N ALA A 342 -3.28 64.66 39.36
CA ALA A 342 -2.32 63.59 39.11
C ALA A 342 -2.94 62.22 39.38
N SER A 343 -3.79 62.12 40.41
CA SER A 343 -4.49 60.87 40.65
C SER A 343 -5.42 60.53 39.49
N LEU A 344 -6.11 61.53 38.94
CA LEU A 344 -6.97 61.29 37.79
C LEU A 344 -6.16 60.89 36.56
N ASP A 345 -5.01 61.53 36.36
CA ASP A 345 -4.12 61.12 35.28
C ASP A 345 -3.70 59.67 35.45
N TYR A 346 -3.38 59.27 36.69
CA TYR A 346 -3.01 57.88 36.95
C TYR A 346 -4.15 56.93 36.60
N ALA A 347 -5.38 57.31 36.95
CA ALA A 347 -6.53 56.47 36.60
C ALA A 347 -6.68 56.33 35.09
N LYS A 348 -6.57 57.45 34.36
CA LYS A 348 -6.67 57.40 32.90
C LYS A 348 -5.56 56.52 32.31
N ILE A 349 -4.35 56.64 32.85
CA ILE A 349 -3.22 55.86 32.37
C ILE A 349 -3.45 54.38 32.62
N GLN A 350 -4.04 54.03 33.77
CA GLN A 350 -4.34 52.64 34.05
C GLN A 350 -5.39 52.10 33.09
N LYS A 351 -6.40 52.91 32.77
CA LYS A 351 -7.38 52.47 31.77
C LYS A 351 -6.73 52.25 30.41
N ASP A 352 -5.79 53.13 30.03
CA ASP A 352 -5.09 52.95 28.76
C ASP A 352 -4.24 51.68 28.79
N ILE A 353 -3.61 51.39 29.92
CA ILE A 353 -2.83 50.17 30.06
C ILE A 353 -3.73 48.94 29.87
N ASN A 354 -4.91 48.96 30.49
CA ASN A 354 -5.83 47.83 30.33
C ASN A 354 -6.34 47.74 28.89
N VAL A 355 -6.54 48.87 28.21
CA VAL A 355 -6.90 48.84 26.79
C VAL A 355 -5.82 48.13 25.99
N ALA A 356 -4.57 48.52 26.20
CA ALA A 356 -3.46 47.91 25.47
C ALA A 356 -3.34 46.43 25.76
N GLN A 357 -3.56 46.03 27.02
CA GLN A 357 -3.47 44.62 27.36
C GLN A 357 -4.61 43.81 26.76
N TYR A 358 -5.81 44.39 26.71
CA TYR A 358 -6.94 43.74 26.04
C TYR A 358 -6.65 43.54 24.55
N GLU A 359 -6.13 44.58 23.90
CA GLU A 359 -5.80 44.47 22.50
C GLU A 359 -4.71 43.42 22.26
N LYS A 360 -3.71 43.36 23.15
CA LYS A 360 -2.66 42.37 23.00
C LYS A 360 -3.18 40.95 23.25
N ALA A 361 -4.14 40.80 24.15
CA ALA A 361 -4.77 39.49 24.33
C ALA A 361 -5.49 39.07 23.06
N ILE A 362 -6.20 39.99 22.42
CA ILE A 362 -6.86 39.68 21.14
C ILE A 362 -5.82 39.25 20.11
N GLN A 363 -4.71 40.00 20.02
CA GLN A 363 -3.69 39.69 19.03
C GLN A 363 -3.04 38.34 19.29
N THR A 364 -2.78 38.02 20.56
CA THR A 364 -2.19 36.73 20.90
C THR A 364 -3.13 35.59 20.58
N ALA A 365 -4.42 35.76 20.87
CA ALA A 365 -5.40 34.74 20.48
C ALA A 365 -5.40 34.53 18.98
N PHE A 366 -5.37 35.62 18.22
CA PHE A 366 -5.34 35.51 16.76
C PHE A 366 -4.11 34.73 16.30
N GLN A 367 -2.94 35.07 16.86
CA GLN A 367 -1.70 34.40 16.46
C GLN A 367 -1.75 32.91 16.77
N GLU A 368 -2.25 32.55 17.96
CA GLU A 368 -2.30 31.14 18.34
C GLU A 368 -3.27 30.37 17.47
N VAL A 369 -4.44 30.95 17.17
CA VAL A 369 -5.40 30.27 16.31
C VAL A 369 -4.86 30.14 14.89
N ALA A 370 -4.10 31.14 14.42
CA ALA A 370 -3.52 31.06 13.09
C ALA A 370 -2.45 29.98 13.02
N ASP A 371 -1.64 29.84 14.08
CA ASP A 371 -0.68 28.74 14.13
C ASP A 371 -1.38 27.39 14.14
N GLY A 372 -2.47 27.28 14.89
CA GLY A 372 -3.25 26.04 14.87
C GLY A 372 -3.81 25.72 13.50
N LEU A 373 -4.25 26.75 12.78
CA LEU A 373 -4.79 26.53 11.44
C LEU A 373 -3.70 26.13 10.45
N ALA A 374 -2.52 26.73 10.56
CA ALA A 374 -1.39 26.30 9.73
C ALA A 374 -1.03 24.84 10.01
N ALA A 375 -1.05 24.45 11.29
CA ALA A 375 -0.80 23.06 11.64
C ALA A 375 -1.85 22.14 11.04
N ARG A 376 -3.13 22.53 11.14
CA ARG A 376 -4.19 21.73 10.55
C ARG A 376 -4.02 21.60 9.04
N GLY A 377 -3.52 22.65 8.39
CA GLY A 377 -3.36 22.62 6.95
C GLY A 377 -2.16 21.84 6.46
N THR A 378 -1.11 21.74 7.29
CA THR A 378 0.13 21.09 6.85
C THR A 378 0.33 19.68 7.39
N PHE A 379 -0.21 19.38 8.58
CA PHE A 379 0.10 18.10 9.21
C PHE A 379 -0.50 16.92 8.46
N THR A 380 -1.62 17.12 7.76
CA THR A 380 -2.18 16.04 6.95
C THR A 380 -1.20 15.62 5.85
N GLU A 381 -0.68 16.60 5.11
CA GLU A 381 0.29 16.29 4.06
C GLU A 381 1.57 15.70 4.64
N GLN A 382 2.04 16.24 5.78
CA GLN A 382 3.27 15.72 6.36
C GLN A 382 3.10 14.28 6.83
N LEU A 383 1.97 13.97 7.48
CA LEU A 383 1.71 12.61 7.92
C LEU A 383 1.50 11.66 6.76
N GLN A 384 0.87 12.12 5.67
CA GLN A 384 0.74 11.26 4.49
C GLN A 384 2.10 10.94 3.88
N ALA A 385 2.96 11.96 3.76
CA ALA A 385 4.30 11.73 3.24
C ALA A 385 5.10 10.81 4.14
N GLN A 386 4.93 10.93 5.46
CA GLN A 386 5.64 10.04 6.37
C GLN A 386 5.11 8.61 6.30
N ARG A 387 3.79 8.46 6.15
CA ARG A 387 3.22 7.14 5.88
C ARG A 387 3.87 6.51 4.66
N ASP A 388 3.92 7.25 3.55
CA ASP A 388 4.49 6.71 2.33
C ASP A 388 5.99 6.43 2.48
N LEU A 389 6.70 7.25 3.26
CA LEU A 389 8.11 6.99 3.51
C LEU A 389 8.31 5.70 4.29
N VAL A 390 7.50 5.48 5.33
CA VAL A 390 7.59 4.24 6.10
C VAL A 390 7.26 3.04 5.21
N LYS A 391 6.24 3.19 4.36
CA LYS A 391 5.85 2.10 3.46
C LYS A 391 6.99 1.76 2.49
N ALA A 392 7.57 2.78 1.84
CA ALA A 392 8.65 2.54 0.91
C ALA A 392 9.90 2.00 1.60
N SER A 393 10.16 2.44 2.83
CA SER A 393 11.29 1.89 3.58
C SER A 393 11.06 0.43 3.91
N ASP A 394 9.81 0.06 4.24
CA ASP A 394 9.50 -1.34 4.49
C ASP A 394 9.68 -2.17 3.23
N GLU A 395 9.23 -1.64 2.08
CA GLU A 395 9.41 -2.37 0.83
C GLU A 395 10.89 -2.54 0.49
N TYR A 396 11.68 -1.48 0.68
CA TYR A 396 13.12 -1.56 0.42
C TYR A 396 13.80 -2.55 1.35
N TYR A 397 13.42 -2.56 2.63
CA TYR A 397 13.99 -3.49 3.58
C TYR A 397 13.62 -4.93 3.24
N GLN A 398 12.38 -5.16 2.80
CA GLN A 398 11.99 -6.51 2.40
C GLN A 398 12.75 -6.96 1.16
N LEU A 399 12.95 -6.06 0.20
CA LEU A 399 13.73 -6.41 -0.99
C LEU A 399 15.17 -6.73 -0.62
N ALA A 400 15.77 -5.92 0.26
CA ALA A 400 17.13 -6.19 0.69
C ALA A 400 17.23 -7.51 1.46
N ASP A 401 16.21 -7.82 2.27
CA ASP A 401 16.23 -9.08 3.01
C ASP A 401 16.05 -10.28 2.09
N LYS A 402 15.23 -10.13 1.04
CA LYS A 402 15.08 -11.22 0.08
C LYS A 402 16.32 -11.38 -0.79
N LEU A 403 17.04 -10.28 -1.04
CA LEU A 403 18.32 -10.36 -1.74
C LEU A 403 19.47 -10.75 -0.82
N PHE A 404 19.25 -10.79 0.48
CA PHE A 404 20.24 -11.29 1.43
C PHE A 404 20.04 -12.75 1.82
N ARG A 405 18.79 -13.23 1.88
CA ARG A 405 18.57 -14.66 2.08
C ARG A 405 19.13 -15.45 0.91
N THR A 406 19.00 -14.90 -0.30
CA THR A 406 19.83 -15.33 -1.42
C THR A 406 21.17 -14.58 -1.35
N GLY A 407 22.24 -15.26 -1.74
CA GLY A 407 23.57 -14.65 -1.55
C GLY A 407 23.72 -13.30 -2.22
N VAL A 408 22.71 -12.87 -2.98
CA VAL A 408 22.74 -11.61 -3.79
C VAL A 408 23.45 -10.44 -3.09
N ASP A 409 22.83 -9.88 -2.08
CA ASP A 409 23.41 -8.76 -1.36
C ASP A 409 24.01 -9.08 0.01
N ASN A 410 24.68 -8.08 0.58
CA ASN A 410 25.44 -8.25 1.80
C ASN A 410 24.63 -7.76 3.01
N TYR A 411 25.29 -7.71 4.17
CA TYR A 411 24.66 -7.40 5.44
C TYR A 411 24.54 -5.90 5.71
N GLY A 412 25.47 -5.10 5.18
CA GLY A 412 25.47 -3.67 5.46
C GLY A 412 24.26 -2.96 4.89
N THR A 413 23.89 -3.28 3.65
CA THR A 413 22.71 -2.67 3.05
C THR A 413 21.45 -3.06 3.81
N LEU A 414 21.36 -4.32 4.25
CA LEU A 414 20.22 -4.76 5.04
C LEU A 414 20.13 -3.99 6.35
N LEU A 415 21.27 -3.82 7.03
CA LEU A 415 21.25 -3.09 8.30
C LEU A 415 20.91 -1.62 8.09
N ALA A 416 21.39 -1.02 6.99
CA ALA A 416 21.04 0.36 6.70
C ALA A 416 19.54 0.50 6.44
N ALA A 417 18.96 -0.45 5.72
CA ALA A 417 17.51 -0.44 5.50
C ALA A 417 16.76 -0.56 6.81
N GLN A 418 17.23 -1.44 7.70
CA GLN A 418 16.59 -1.59 9.01
C GLN A 418 16.65 -0.30 9.81
N ALA A 419 17.81 0.36 9.82
CA ALA A 419 17.96 1.61 10.56
C ALA A 419 17.06 2.69 9.98
N SER A 420 17.00 2.80 8.64
CA SER A 420 16.13 3.79 8.03
C SER A 420 14.67 3.52 8.35
N LEU A 421 14.26 2.24 8.35
CA LEU A 421 12.88 1.91 8.70
C LEU A 421 12.57 2.29 10.14
N PHE A 422 13.51 2.01 11.06
CA PHE A 422 13.30 2.35 12.46
C PHE A 422 13.16 3.86 12.64
N THR A 423 14.04 4.63 12.00
CA THR A 423 13.96 6.09 12.12
C THR A 423 12.69 6.63 11.49
N ALA A 424 12.25 6.03 10.38
CA ALA A 424 11.01 6.48 9.74
C ALA A 424 9.80 6.22 10.64
N GLN A 425 9.76 5.06 11.29
CA GLN A 425 8.65 4.79 12.21
C GLN A 425 8.68 5.70 13.42
N GLN A 426 9.88 5.98 13.95
CA GLN A 426 10.01 6.95 15.04
C GLN A 426 9.45 8.31 14.62
N GLN A 427 9.86 8.79 13.43
CA GLN A 427 9.39 10.09 12.97
C GLN A 427 7.89 10.08 12.71
N LEU A 428 7.34 8.94 12.29
CA LEU A 428 5.89 8.85 12.11
C LEU A 428 5.16 9.01 13.44
N ILE A 429 5.63 8.31 14.48
CA ILE A 429 5.03 8.46 15.80
C ILE A 429 5.14 9.91 16.27
N THR A 430 6.31 10.53 16.05
CA THR A 430 6.51 11.91 16.49
C THR A 430 5.58 12.87 15.75
N ASP A 431 5.41 12.67 14.45
CA ASP A 431 4.53 13.54 13.67
C ASP A 431 3.07 13.38 14.09
N ARG A 432 2.65 12.14 14.37
CA ARG A 432 1.30 11.93 14.89
C ARG A 432 1.10 12.68 16.21
N LEU A 433 2.07 12.55 17.12
CA LEU A 433 1.99 13.25 18.40
C LEU A 433 1.91 14.76 18.19
N ASN A 434 2.73 15.30 17.29
CA ASN A 434 2.75 16.74 17.07
C ASN A 434 1.44 17.22 16.46
N GLN A 435 0.87 16.47 15.52
CA GLN A 435 -0.43 16.82 14.94
C GLN A 435 -1.51 16.86 16.01
N LEU A 436 -1.56 15.82 16.85
CA LEU A 436 -2.57 15.77 17.89
C LEU A 436 -2.40 16.92 18.89
N THR A 437 -1.15 17.21 19.27
CA THR A 437 -0.90 18.30 20.21
C THR A 437 -1.29 19.65 19.60
N SER A 438 -1.00 19.85 18.31
CA SER A 438 -1.39 21.10 17.65
C SER A 438 -2.89 21.25 17.61
N GLU A 439 -3.62 20.16 17.33
CA GLU A 439 -5.08 20.26 17.30
C GLU A 439 -5.63 20.54 18.70
N VAL A 440 -5.06 19.93 19.73
CA VAL A 440 -5.50 20.19 21.10
C VAL A 440 -5.26 21.65 21.46
N ASN A 441 -4.08 22.19 21.12
CA ASN A 441 -3.79 23.58 21.44
C ASN A 441 -4.66 24.53 20.65
N LEU A 442 -5.00 24.20 19.40
CA LEU A 442 -5.95 25.02 18.66
C LEU A 442 -7.32 25.01 19.31
N TYR A 443 -7.77 23.84 19.78
CA TYR A 443 -9.03 23.76 20.52
C TYR A 443 -8.98 24.65 21.76
N LYS A 444 -7.86 24.65 22.48
CA LYS A 444 -7.74 25.49 23.66
C LYS A 444 -7.76 26.97 23.30
N ALA A 445 -7.10 27.33 22.19
CA ALA A 445 -7.01 28.74 21.82
C ALA A 445 -8.34 29.27 21.32
N LEU A 446 -9.12 28.45 20.62
CA LEU A 446 -10.40 28.92 20.08
C LEU A 446 -11.43 29.16 21.17
N GLY A 447 -11.34 28.42 22.27
CA GLY A 447 -12.30 28.56 23.35
C GLY A 447 -12.08 27.52 24.45
N GLY A 448 -11.38 26.44 24.11
CA GLY A 448 -11.08 25.38 25.09
C GLY A 448 -12.23 24.41 25.30
N GLY A 449 -12.33 23.85 26.51
CA GLY A 449 -13.40 22.88 26.84
C GLY A 449 -14.11 23.21 28.14
N TRP A 450 -14.29 24.51 28.43
CA TRP A 450 -14.99 25.00 29.61
C TRP A 450 -16.27 24.23 29.88
N ASN A 451 -17.03 23.93 28.83
CA ASN A 451 -18.22 23.10 28.94
C ASN A 451 -17.84 21.63 28.84
N GLN A 452 -18.47 20.81 29.68
CA GLN A 452 -18.24 19.37 29.60
C GLN A 452 -18.95 18.78 28.38
N GLN A 453 -20.26 19.03 28.26
CA GLN A 453 -21.03 18.61 27.11
C GLN A 453 -21.28 19.81 26.20
N THR A 454 -21.60 19.52 24.95
CA THR A 454 -21.83 20.57 23.97
C THR A 454 -23.12 21.33 24.30
N VAL A 455 -23.02 22.65 24.36
CA VAL A 455 -24.17 23.49 24.69
C VAL A 455 -24.89 23.91 23.40
N CYS B 1 11.83 -41.15 -68.37
CA CYS B 1 10.68 -40.26 -68.25
C CYS B 1 10.23 -40.11 -66.80
N SER B 2 9.37 -39.12 -66.57
CA SER B 2 8.78 -38.88 -65.26
C SER B 2 7.28 -38.67 -65.44
N LEU B 3 6.48 -39.50 -64.76
CA LEU B 3 5.03 -39.44 -64.86
C LEU B 3 4.39 -38.74 -63.68
N ILE B 4 5.16 -37.96 -62.93
CA ILE B 4 4.62 -37.23 -61.78
C ILE B 4 3.83 -36.03 -62.29
N PRO B 5 2.59 -35.84 -61.86
CA PRO B 5 1.83 -34.68 -62.32
C PRO B 5 2.43 -33.39 -61.80
N ASP B 6 2.17 -32.31 -62.54
CA ASP B 6 2.64 -30.99 -62.12
C ASP B 6 1.95 -30.57 -60.83
N TYR B 7 2.73 -30.08 -59.88
CA TYR B 7 2.17 -29.66 -58.59
C TYR B 7 1.68 -28.22 -58.68
N GLN B 8 0.42 -28.02 -58.29
CA GLN B 8 -0.18 -26.69 -58.22
C GLN B 8 -0.67 -26.47 -56.80
N ARG B 9 -0.09 -25.50 -56.12
CA ARG B 9 -0.48 -25.22 -54.74
C ARG B 9 -1.94 -24.75 -54.72
N PRO B 10 -2.81 -25.38 -53.93
CA PRO B 10 -4.20 -24.94 -53.87
C PRO B 10 -4.32 -23.55 -53.26
N GLU B 11 -5.38 -22.85 -53.65
CA GLU B 11 -5.64 -21.52 -53.13
C GLU B 11 -6.04 -21.59 -51.67
N ALA B 12 -5.69 -20.55 -50.92
CA ALA B 12 -5.97 -20.51 -49.49
C ALA B 12 -7.48 -20.40 -49.24
N PRO B 13 -8.09 -21.38 -48.58
CA PRO B 13 -9.54 -21.30 -48.33
C PRO B 13 -9.88 -20.47 -47.10
N VAL B 14 -9.17 -19.35 -46.90
CA VAL B 14 -9.39 -18.46 -45.78
C VAL B 14 -9.62 -17.06 -46.31
N ALA B 15 -9.97 -16.16 -45.39
CA ALA B 15 -10.22 -14.77 -45.77
C ALA B 15 -8.91 -14.06 -46.13
N ALA B 16 -9.04 -13.04 -46.98
CA ALA B 16 -7.86 -12.28 -47.38
C ALA B 16 -7.29 -11.46 -46.22
N ALA B 17 -8.12 -11.07 -45.27
CA ALA B 17 -7.68 -10.30 -44.11
C ALA B 17 -8.26 -10.90 -42.85
N TYR B 18 -7.61 -10.60 -41.72
CA TYR B 18 -8.05 -11.12 -40.45
C TYR B 18 -9.39 -10.49 -40.04
N PRO B 19 -10.17 -11.17 -39.20
CA PRO B 19 -11.51 -10.66 -38.87
C PRO B 19 -11.47 -9.30 -38.20
N GLN B 20 -12.57 -8.56 -38.35
CA GLN B 20 -12.73 -7.25 -37.75
C GLN B 20 -14.01 -7.22 -36.93
N GLY B 21 -14.03 -6.33 -35.95
CA GLY B 21 -15.20 -6.20 -35.09
C GLY B 21 -14.86 -5.42 -33.83
N GLN B 22 -15.72 -5.56 -32.82
CA GLN B 22 -15.53 -4.86 -31.56
C GLN B 22 -14.35 -5.42 -30.78
N ALA B 23 -13.97 -6.67 -31.02
CA ALA B 23 -12.87 -7.30 -30.30
C ALA B 23 -11.54 -7.23 -31.04
N TYR B 24 -11.54 -6.84 -32.31
CA TYR B 24 -10.35 -6.83 -33.13
C TYR B 24 -9.90 -5.40 -33.38
N GLY B 25 -8.60 -5.15 -33.21
CA GLY B 25 -8.04 -3.88 -33.60
C GLY B 25 -8.00 -3.73 -35.11
N GLN B 26 -7.59 -2.55 -35.55
CA GLN B 26 -7.50 -2.28 -36.98
C GLN B 26 -6.45 -3.18 -37.62
N ASN B 27 -6.79 -3.72 -38.80
CA ASN B 27 -5.88 -4.60 -39.53
C ASN B 27 -4.59 -3.87 -39.87
N THR B 28 -3.48 -4.31 -39.29
CA THR B 28 -2.19 -3.65 -39.51
C THR B 28 -1.71 -3.79 -40.95
N GLY B 29 -2.29 -4.70 -41.71
CA GLY B 29 -1.89 -4.90 -43.10
C GLY B 29 -0.76 -5.92 -43.21
N ALA B 30 0.33 -5.53 -43.87
CA ALA B 30 1.49 -6.38 -44.04
C ALA B 30 2.47 -6.15 -42.88
N ALA B 31 3.72 -6.58 -43.05
CA ALA B 31 4.74 -6.40 -42.04
C ALA B 31 6.11 -6.43 -42.71
N ALA B 32 6.93 -5.41 -42.43
CA ALA B 32 8.28 -5.37 -43.00
C ALA B 32 9.09 -6.58 -42.56
N VAL B 33 9.17 -6.81 -41.25
CA VAL B 33 9.78 -8.00 -40.67
C VAL B 33 8.65 -8.91 -40.19
N PRO B 34 8.39 -10.04 -40.84
CA PRO B 34 7.26 -10.88 -40.45
C PRO B 34 7.41 -11.43 -39.04
N ALA B 35 6.32 -12.02 -38.55
CA ALA B 35 6.29 -12.49 -37.17
C ALA B 35 7.19 -13.68 -36.96
N ALA B 36 7.27 -14.58 -37.95
CA ALA B 36 8.09 -15.78 -37.83
C ALA B 36 9.59 -15.48 -37.79
N ASP B 37 10.02 -14.34 -38.35
CA ASP B 37 11.43 -14.02 -38.41
C ASP B 37 11.94 -13.33 -37.14
N ILE B 38 11.04 -12.89 -36.27
CA ILE B 38 11.44 -12.26 -35.02
C ILE B 38 11.87 -13.34 -34.04
N GLY B 39 13.14 -13.28 -33.62
CA GLY B 39 13.67 -14.31 -32.75
C GLY B 39 13.08 -14.27 -31.36
N TRP B 40 13.14 -15.42 -30.69
CA TRP B 40 12.63 -15.52 -29.33
C TRP B 40 13.54 -14.82 -28.33
N ARG B 41 14.84 -14.71 -28.65
CA ARG B 41 15.74 -13.95 -27.81
C ARG B 41 15.33 -12.48 -27.73
N GLU B 42 14.78 -11.95 -28.83
CA GLU B 42 14.25 -10.59 -28.85
C GLU B 42 12.80 -10.52 -28.42
N PHE B 43 12.00 -11.55 -28.76
CA PHE B 43 10.59 -11.54 -28.38
C PHE B 43 10.43 -11.61 -26.86
N PHE B 44 11.12 -12.54 -26.22
CA PHE B 44 11.09 -12.67 -24.77
C PHE B 44 12.20 -11.81 -24.18
N ARG B 45 11.82 -10.77 -23.43
CA ARG B 45 12.80 -9.87 -22.85
C ARG B 45 13.38 -10.37 -21.53
N ASP B 46 12.70 -11.30 -20.87
CA ASP B 46 13.19 -11.85 -19.61
C ASP B 46 14.43 -12.70 -19.88
N PRO B 47 15.60 -12.31 -19.35
CA PRO B 47 16.82 -13.11 -19.62
C PRO B 47 16.79 -14.48 -18.98
N GLN B 48 16.20 -14.61 -17.78
CA GLN B 48 16.03 -15.92 -17.17
C GLN B 48 15.18 -16.84 -18.06
N LEU B 49 14.11 -16.28 -18.64
CA LEU B 49 13.29 -17.07 -19.55
C LEU B 49 14.08 -17.46 -20.79
N GLN B 50 14.97 -16.57 -21.26
CA GLN B 50 15.79 -16.90 -22.43
C GLN B 50 16.76 -18.05 -22.13
N GLN B 51 17.41 -18.01 -20.96
CA GLN B 51 18.30 -19.09 -20.59
C GLN B 51 17.53 -20.39 -20.39
N LEU B 52 16.32 -20.32 -19.84
CA LEU B 52 15.50 -21.52 -19.69
C LEU B 52 15.09 -22.07 -21.05
N ILE B 53 14.78 -21.19 -22.00
CA ILE B 53 14.44 -21.64 -23.35
C ILE B 53 15.64 -22.32 -24.01
N GLY B 54 16.84 -21.78 -23.79
CA GLY B 54 18.03 -22.44 -24.31
C GLY B 54 18.25 -23.80 -23.68
N VAL B 55 18.08 -23.90 -22.37
CA VAL B 55 18.21 -25.19 -21.67
C VAL B 55 17.20 -26.18 -22.22
N ALA B 56 15.98 -25.73 -22.48
CA ALA B 56 14.96 -26.62 -23.04
C ALA B 56 15.32 -27.05 -24.45
N LEU B 57 15.81 -26.13 -25.29
CA LEU B 57 16.23 -26.48 -26.63
C LEU B 57 17.35 -27.50 -26.61
N GLU B 58 18.23 -27.45 -25.61
CA GLU B 58 19.38 -28.34 -25.57
C GLU B 58 19.17 -29.59 -24.72
N ASN B 59 18.04 -29.72 -24.02
CA ASN B 59 17.84 -30.88 -23.15
C ASN B 59 16.47 -31.55 -23.28
N ASN B 60 15.48 -30.92 -23.93
CA ASN B 60 14.17 -31.54 -24.05
C ASN B 60 14.24 -32.76 -24.96
N ARG B 61 13.58 -33.84 -24.55
CA ARG B 61 13.67 -35.09 -25.28
C ARG B 61 12.73 -35.15 -26.48
N ASP B 62 11.63 -34.40 -26.46
CA ASP B 62 10.71 -34.43 -27.59
C ASP B 62 11.30 -33.75 -28.81
N LEU B 63 11.97 -32.60 -28.62
CA LEU B 63 12.67 -31.97 -29.73
C LEU B 63 13.81 -32.84 -30.23
N ARG B 64 14.46 -33.57 -29.32
CA ARG B 64 15.49 -34.53 -29.71
C ARG B 64 14.90 -35.62 -30.59
N VAL B 65 13.73 -36.15 -30.22
CA VAL B 65 13.07 -37.17 -31.03
C VAL B 65 12.64 -36.59 -32.37
N ALA B 66 12.26 -35.30 -32.42
CA ALA B 66 11.89 -34.69 -33.68
C ALA B 66 13.10 -34.58 -34.62
N ALA B 67 14.23 -34.12 -34.10
CA ALA B 67 15.45 -34.06 -34.90
C ALA B 67 15.86 -35.46 -35.37
N LEU B 68 15.72 -36.46 -34.50
CA LEU B 68 16.03 -37.82 -34.89
C LEU B 68 15.06 -38.35 -35.94
N ASN B 69 13.80 -37.92 -35.90
CA ASN B 69 12.87 -38.28 -36.95
C ASN B 69 13.28 -37.67 -38.27
N VAL B 70 13.76 -36.43 -38.25
CA VAL B 70 14.30 -35.82 -39.47
C VAL B 70 15.46 -36.64 -40.01
N GLU B 71 16.37 -37.05 -39.11
CA GLU B 71 17.52 -37.85 -39.54
C GLU B 71 17.08 -39.20 -40.12
N ALA B 72 16.09 -39.84 -39.49
CA ALA B 72 15.62 -41.14 -39.96
C ALA B 72 14.94 -41.02 -41.31
N PHE B 73 14.17 -39.95 -41.52
CA PHE B 73 13.55 -39.76 -42.82
C PHE B 73 14.58 -39.43 -43.90
N ARG B 74 15.68 -38.74 -43.53
CA ARG B 74 16.74 -38.55 -44.49
C ARG B 74 17.41 -39.88 -44.85
N ALA B 75 17.59 -40.74 -43.85
CA ALA B 75 18.15 -42.08 -44.13
C ALA B 75 17.23 -42.88 -45.05
N GLN B 76 15.91 -42.79 -44.82
CA GLN B 76 14.97 -43.49 -45.68
C GLN B 76 15.00 -42.92 -47.10
N TYR B 77 15.14 -41.60 -47.23
CA TYR B 77 15.29 -40.99 -48.54
C TYR B 77 16.56 -41.49 -49.22
N ARG B 78 17.65 -41.64 -48.46
CA ARG B 78 18.88 -42.16 -49.04
C ARG B 78 18.70 -43.60 -49.50
N ILE B 79 17.93 -44.40 -48.76
CA ILE B 79 17.62 -45.76 -49.20
C ILE B 79 16.85 -45.73 -50.51
N GLN B 80 15.80 -44.90 -50.58
CA GLN B 80 14.98 -44.84 -51.78
C GLN B 80 15.77 -44.30 -52.97
N ARG B 81 16.78 -43.47 -52.71
CA ARG B 81 17.63 -42.99 -53.79
C ARG B 81 18.64 -44.04 -54.23
N ALA B 82 19.15 -44.83 -53.28
CA ALA B 82 20.07 -45.91 -53.62
C ALA B 82 19.37 -47.02 -54.39
N ASP B 83 18.06 -47.17 -54.19
CA ASP B 83 17.31 -48.16 -54.96
C ASP B 83 17.37 -47.94 -56.46
N LEU B 84 17.89 -46.80 -56.93
CA LEU B 84 17.98 -46.55 -58.36
C LEU B 84 19.21 -47.18 -58.99
N PHE B 85 20.27 -47.41 -58.21
CA PHE B 85 21.50 -47.93 -58.79
C PHE B 85 21.59 -49.43 -58.63
N PRO B 86 22.31 -50.12 -59.52
CA PRO B 86 22.36 -51.58 -59.47
C PRO B 86 23.12 -52.08 -58.25
N ARG B 87 22.64 -53.20 -57.69
CA ARG B 87 23.23 -53.81 -56.51
C ARG B 87 24.25 -54.85 -56.98
N ILE B 88 25.51 -54.46 -57.00
CA ILE B 88 26.58 -55.34 -57.48
C ILE B 88 27.17 -56.09 -56.29
N GLY B 89 27.21 -57.42 -56.40
CA GLY B 89 27.74 -58.25 -55.33
C GLY B 89 28.35 -59.53 -55.90
N VAL B 90 29.00 -60.26 -55.00
CA VAL B 90 29.63 -61.53 -55.32
C VAL B 90 28.66 -62.66 -55.00
N ASP B 91 28.32 -63.45 -56.01
CA ASP B 91 27.37 -64.56 -55.88
C ASP B 91 28.14 -65.87 -56.10
N GLY B 92 28.21 -66.68 -55.04
CA GLY B 92 28.77 -68.02 -55.15
C GLY B 92 27.68 -69.06 -55.05
N SER B 93 27.54 -69.89 -56.07
CA SER B 93 26.45 -70.85 -56.14
C SER B 93 26.97 -72.22 -56.51
N GLY B 94 26.34 -73.25 -55.95
CA GLY B 94 26.64 -74.61 -56.31
C GLY B 94 25.36 -75.40 -56.51
N THR B 95 25.42 -76.35 -57.43
CA THR B 95 24.27 -77.20 -57.72
C THR B 95 24.75 -78.62 -57.96
N ARG B 96 24.11 -79.57 -57.30
CA ARG B 96 24.45 -80.99 -57.44
C ARG B 96 23.17 -81.78 -57.29
N GLN B 97 22.67 -82.34 -58.39
CA GLN B 97 21.37 -83.02 -58.35
C GLN B 97 21.45 -84.34 -59.11
N ARG B 98 20.84 -85.36 -58.52
CA ARG B 98 20.72 -86.67 -59.16
C ARG B 98 19.46 -86.69 -60.02
N LEU B 99 19.64 -86.94 -61.31
CA LEU B 99 18.53 -86.97 -62.25
C LEU B 99 18.27 -88.40 -62.73
N PRO B 100 17.01 -88.80 -62.87
CA PRO B 100 16.69 -90.15 -63.36
C PRO B 100 17.08 -90.34 -64.82
N GLY B 101 16.77 -91.52 -65.36
CA GLY B 101 17.26 -91.87 -66.68
C GLY B 101 16.62 -91.04 -67.79
N ASP B 102 15.29 -90.93 -67.76
CA ASP B 102 14.57 -90.30 -68.86
C ASP B 102 14.88 -88.81 -69.00
N LEU B 103 15.39 -88.17 -67.94
CA LEU B 103 15.71 -86.75 -68.00
C LEU B 103 17.21 -86.47 -68.08
N SER B 104 18.06 -87.42 -67.71
CA SER B 104 19.49 -87.20 -67.75
C SER B 104 20.01 -87.29 -69.19
N THR B 105 21.30 -86.97 -69.36
CA THR B 105 21.93 -87.00 -70.67
C THR B 105 22.48 -88.37 -71.03
N THR B 106 22.61 -89.28 -70.06
CA THR B 106 23.17 -90.60 -70.30
C THR B 106 22.11 -91.67 -70.54
N GLY B 107 20.83 -91.34 -70.38
CA GLY B 107 19.77 -92.32 -70.47
C GLY B 107 19.58 -93.18 -69.24
N SER B 108 20.47 -93.07 -68.26
CA SER B 108 20.41 -93.78 -67.00
C SER B 108 20.53 -92.78 -65.87
N PRO B 109 20.15 -93.16 -64.62
CA PRO B 109 20.30 -92.25 -63.50
C PRO B 109 21.70 -91.66 -63.36
N ALA B 110 21.82 -90.36 -63.54
CA ALA B 110 23.10 -89.66 -63.49
C ALA B 110 23.07 -88.61 -62.39
N ILE B 111 24.19 -87.90 -62.22
CA ILE B 111 24.33 -86.86 -61.22
C ILE B 111 24.97 -85.65 -61.90
N SER B 112 24.18 -84.59 -62.09
CA SER B 112 24.67 -83.36 -62.70
C SER B 112 25.18 -82.41 -61.63
N SER B 113 26.17 -81.61 -62.01
CA SER B 113 26.79 -80.65 -61.10
C SER B 113 27.16 -79.39 -61.87
N GLN B 114 27.18 -78.27 -61.14
CA GLN B 114 27.43 -76.97 -61.76
C GLN B 114 27.75 -75.97 -60.65
N TYR B 115 28.99 -75.48 -60.63
CA TYR B 115 29.43 -74.50 -59.64
C TYR B 115 29.79 -73.19 -60.34
N GLY B 116 29.59 -72.07 -59.64
CA GLY B 116 29.90 -70.79 -60.22
C GLY B 116 30.09 -69.66 -59.22
N VAL B 117 31.22 -68.96 -59.32
CA VAL B 117 31.51 -67.80 -58.49
C VAL B 117 31.58 -66.59 -59.42
N THR B 118 30.61 -65.69 -59.30
CA THR B 118 30.48 -64.56 -60.20
C THR B 118 30.35 -63.27 -59.41
N LEU B 119 30.40 -62.15 -60.14
CA LEU B 119 30.23 -60.81 -59.58
C LEU B 119 29.32 -60.04 -60.53
N GLY B 120 28.31 -59.39 -59.97
CA GLY B 120 27.41 -58.61 -60.81
C GLY B 120 26.13 -58.28 -60.07
N THR B 121 25.12 -57.89 -60.85
CA THR B 121 23.83 -57.45 -60.34
C THR B 121 22.74 -58.41 -60.81
N THR B 122 21.75 -58.62 -59.94
CA THR B 122 20.63 -59.51 -60.20
C THR B 122 19.34 -58.71 -60.12
N ALA B 123 18.56 -58.73 -61.19
CA ALA B 123 17.25 -58.08 -61.26
C ALA B 123 17.35 -56.59 -60.96
N TRP B 124 18.26 -55.91 -61.65
CA TRP B 124 18.37 -54.47 -61.56
C TRP B 124 17.25 -53.84 -62.40
N GLU B 125 16.44 -52.99 -61.76
CA GLU B 125 15.29 -52.38 -62.41
C GLU B 125 15.75 -51.08 -63.08
N LEU B 126 15.85 -51.10 -64.40
CA LEU B 126 16.14 -49.90 -65.17
C LEU B 126 14.93 -48.97 -65.13
N ASP B 127 15.05 -47.88 -64.37
CA ASP B 127 13.94 -46.94 -64.19
C ASP B 127 13.81 -46.10 -65.45
N LEU B 128 13.10 -46.66 -66.43
CA LEU B 128 12.91 -45.99 -67.71
C LEU B 128 11.77 -44.98 -67.66
N PHE B 129 10.70 -45.29 -66.92
CA PHE B 129 9.52 -44.45 -66.86
C PHE B 129 9.35 -43.76 -65.52
N GLY B 130 10.37 -43.77 -64.67
CA GLY B 130 10.36 -42.97 -63.46
C GLY B 130 9.52 -43.49 -62.32
N ARG B 131 9.56 -44.79 -62.05
CA ARG B 131 8.86 -45.33 -60.89
C ARG B 131 9.70 -45.17 -59.63
N LEU B 132 10.92 -45.71 -59.66
CA LEU B 132 11.83 -45.56 -58.53
C LEU B 132 12.20 -44.10 -58.31
N ARG B 133 12.30 -43.30 -59.37
CA ARG B 133 12.54 -41.87 -59.21
C ARG B 133 11.36 -41.19 -58.51
N SER B 134 10.13 -41.62 -58.83
CA SER B 134 8.97 -41.05 -58.14
C SER B 134 8.95 -41.44 -56.68
N LEU B 135 9.29 -42.69 -56.37
CA LEU B 135 9.38 -43.10 -54.96
C LEU B 135 10.47 -42.33 -54.23
N ARG B 136 11.59 -42.07 -54.91
CA ARG B 136 12.67 -41.28 -54.32
C ARG B 136 12.21 -39.86 -54.03
N ASP B 137 11.49 -39.25 -54.96
CA ASP B 137 10.96 -37.90 -54.73
C ASP B 137 9.94 -37.90 -53.60
N GLN B 138 9.15 -38.96 -53.49
CA GLN B 138 8.21 -39.08 -52.37
C GLN B 138 8.95 -39.14 -51.04
N ALA B 139 10.02 -39.93 -50.98
CA ALA B 139 10.83 -40.00 -49.76
C ALA B 139 11.46 -38.65 -49.44
N LEU B 140 11.92 -37.94 -50.46
CA LEU B 140 12.50 -36.61 -50.25
C LEU B 140 11.47 -35.64 -49.68
N GLU B 141 10.26 -35.65 -50.23
CA GLU B 141 9.23 -34.75 -49.73
C GLU B 141 8.78 -35.14 -48.31
N GLN B 142 8.77 -36.44 -48.00
CA GLN B 142 8.47 -36.85 -46.62
C GLN B 142 9.57 -36.37 -45.67
N TYR B 143 10.83 -36.41 -46.11
CA TYR B 143 11.92 -35.88 -45.30
C TYR B 143 11.76 -34.38 -45.06
N LEU B 144 11.39 -33.63 -46.12
CA LEU B 144 11.17 -32.20 -45.96
C LEU B 144 10.00 -31.92 -45.02
N ALA B 145 8.94 -32.73 -45.11
CA ALA B 145 7.81 -32.58 -44.19
C ALA B 145 8.23 -32.85 -42.75
N THR B 146 9.09 -33.85 -42.54
CA THR B 146 9.58 -34.11 -41.20
C THR B 146 10.46 -32.98 -40.69
N GLU B 147 11.22 -32.34 -41.58
CA GLU B 147 12.01 -31.18 -41.16
C GLU B 147 11.12 -30.03 -40.73
N GLN B 148 10.07 -29.74 -41.51
CA GLN B 148 9.10 -28.73 -41.11
C GLN B 148 8.40 -29.10 -39.81
N ALA B 149 8.15 -30.40 -39.60
CA ALA B 149 7.57 -30.85 -38.35
C ALA B 149 8.51 -30.60 -37.17
N GLN B 150 9.82 -30.78 -37.40
CA GLN B 150 10.78 -30.45 -36.35
C GLN B 150 10.76 -28.97 -36.02
N ARG B 151 10.66 -28.11 -37.05
CA ARG B 151 10.57 -26.68 -36.80
C ARG B 151 9.32 -26.35 -35.98
N SER B 152 8.18 -26.95 -36.36
CA SER B 152 6.95 -26.73 -35.61
C SER B 152 7.06 -27.24 -34.17
N ALA B 153 7.79 -28.34 -33.98
CA ALA B 153 7.98 -28.88 -32.64
C ALA B 153 8.84 -27.94 -31.79
N GLN B 154 9.85 -27.32 -32.40
CA GLN B 154 10.65 -26.34 -31.67
C GLN B 154 9.80 -25.14 -31.27
N THR B 155 8.96 -24.65 -32.18
CA THR B 155 8.06 -23.54 -31.84
C THR B 155 7.12 -23.93 -30.70
N THR B 156 6.58 -25.16 -30.75
CA THR B 156 5.69 -25.64 -29.70
C THR B 156 6.42 -25.72 -28.36
N LEU B 157 7.65 -26.21 -28.36
CA LEU B 157 8.42 -26.30 -27.12
C LEU B 157 8.70 -24.93 -26.54
N VAL B 158 9.05 -23.96 -27.40
CA VAL B 158 9.29 -22.60 -26.93
C VAL B 158 8.03 -22.04 -26.29
N ALA B 159 6.89 -22.20 -26.96
CA ALA B 159 5.64 -21.68 -26.42
C ALA B 159 5.28 -22.35 -25.09
N SER B 160 5.49 -23.67 -24.99
CA SER B 160 5.15 -24.38 -23.77
C SER B 160 6.06 -23.97 -22.62
N VAL B 161 7.35 -23.79 -22.88
CA VAL B 161 8.27 -23.36 -21.83
C VAL B 161 7.90 -21.95 -21.35
N ALA B 162 7.59 -21.05 -22.29
CA ALA B 162 7.18 -19.70 -21.91
C ALA B 162 5.91 -19.75 -21.07
N THR B 163 4.93 -20.56 -21.47
CA THR B 163 3.68 -20.66 -20.72
C THR B 163 3.92 -21.20 -19.32
N ALA B 164 4.75 -22.24 -19.20
CA ALA B 164 5.03 -22.81 -17.88
C ALA B 164 5.74 -21.80 -16.99
N TYR B 165 6.71 -21.08 -17.52
CA TYR B 165 7.42 -20.08 -16.73
C TYR B 165 6.49 -18.96 -16.27
N LEU B 166 5.63 -18.47 -17.17
CA LEU B 166 4.72 -17.40 -16.80
C LEU B 166 3.68 -17.88 -15.78
N THR B 167 3.21 -19.11 -15.92
CA THR B 167 2.25 -19.64 -14.95
C THR B 167 2.91 -19.81 -13.58
N LEU B 168 4.16 -20.29 -13.55
CA LEU B 168 4.86 -20.40 -12.28
C LEU B 168 5.05 -19.03 -11.62
N LYS B 169 5.42 -18.02 -12.41
CA LYS B 169 5.60 -16.69 -11.86
C LYS B 169 4.28 -16.11 -11.34
N ALA B 170 3.19 -16.33 -12.09
CA ALA B 170 1.89 -15.83 -11.66
C ALA B 170 1.43 -16.51 -10.37
N ASP B 171 1.66 -17.82 -10.27
CA ASP B 171 1.28 -18.52 -9.04
C ASP B 171 2.17 -18.11 -7.87
N GLN B 172 3.44 -17.79 -8.12
CA GLN B 172 4.29 -17.24 -7.05
C GLN B 172 3.77 -15.89 -6.58
N ALA B 173 3.34 -15.05 -7.52
CA ALA B 173 2.74 -13.76 -7.14
C ALA B 173 1.46 -13.97 -6.34
N GLN B 174 0.63 -14.94 -6.75
CA GLN B 174 -0.56 -15.28 -5.99
C GLN B 174 -0.21 -15.73 -4.57
N LEU B 175 0.83 -16.55 -4.44
CA LEU B 175 1.26 -17.03 -3.14
C LEU B 175 1.74 -15.88 -2.25
N GLN B 176 2.49 -14.94 -2.82
CA GLN B 176 2.97 -13.80 -2.04
C GLN B 176 1.79 -12.91 -1.61
N LEU B 177 0.84 -12.69 -2.52
CA LEU B 177 -0.34 -11.91 -2.16
C LEU B 177 -1.14 -12.58 -1.05
N THR B 178 -1.26 -13.91 -1.12
CA THR B 178 -1.98 -14.64 -0.07
C THR B 178 -1.22 -14.58 1.25
N LYS B 179 0.12 -14.60 1.20
CA LYS B 179 0.91 -14.42 2.41
C LYS B 179 0.62 -13.07 3.05
N ASP B 180 0.61 -12.01 2.24
CA ASP B 180 0.34 -10.67 2.77
C ASP B 180 -1.06 -10.59 3.37
N THR B 181 -2.06 -11.14 2.66
CA THR B 181 -3.42 -11.08 3.16
C THR B 181 -3.59 -11.91 4.43
N LEU B 182 -2.91 -13.05 4.52
CA LEU B 182 -2.97 -13.86 5.73
C LEU B 182 -2.32 -13.15 6.90
N GLY B 183 -1.19 -12.48 6.67
CA GLY B 183 -0.59 -11.69 7.73
C GLY B 183 -1.49 -10.59 8.22
N THR B 184 -2.13 -9.87 7.29
CA THR B 184 -3.07 -8.82 7.68
C THR B 184 -4.24 -9.39 8.46
N TYR B 185 -4.79 -10.53 8.01
CA TYR B 185 -5.92 -11.14 8.70
C TYR B 185 -5.51 -11.63 10.09
N GLN B 186 -4.30 -12.14 10.25
CA GLN B 186 -3.86 -12.60 11.56
C GLN B 186 -3.64 -11.42 12.51
N LYS B 187 -3.09 -10.31 12.00
CA LYS B 187 -2.97 -9.11 12.81
C LYS B 187 -4.34 -8.62 13.27
N SER B 188 -5.29 -8.53 12.33
CA SER B 188 -6.64 -8.10 12.69
C SER B 188 -7.31 -9.07 13.65
N PHE B 189 -7.04 -10.37 13.52
CA PHE B 189 -7.64 -11.35 14.41
C PHE B 189 -7.05 -11.26 15.81
N ASP B 190 -5.75 -10.99 15.92
CA ASP B 190 -5.16 -10.77 17.24
C ASP B 190 -5.74 -9.53 17.90
N LEU B 191 -5.90 -8.45 17.12
CA LEU B 191 -6.52 -7.25 17.67
C LEU B 191 -7.96 -7.52 18.11
N THR B 192 -8.70 -8.30 17.31
CA THR B 192 -10.08 -8.63 17.66
C THR B 192 -10.16 -9.54 18.88
N GLN B 193 -9.20 -10.45 19.03
CA GLN B 193 -9.15 -11.30 20.22
C GLN B 193 -8.87 -10.46 21.47
N ARG B 194 -7.94 -9.52 21.38
CA ARG B 194 -7.72 -8.59 22.48
C ARG B 194 -8.99 -7.81 22.81
N SER B 195 -9.66 -7.30 21.77
CA SER B 195 -10.86 -6.49 21.97
C SER B 195 -12.00 -7.32 22.57
N TYR B 196 -12.05 -8.62 22.26
CA TYR B 196 -13.07 -9.49 22.84
C TYR B 196 -12.74 -9.85 24.28
N ASP B 197 -11.46 -10.02 24.60
CA ASP B 197 -11.07 -10.34 25.97
C ASP B 197 -11.33 -9.19 26.93
N VAL B 198 -11.52 -7.97 26.42
CA VAL B 198 -11.90 -6.83 27.25
C VAL B 198 -13.35 -6.44 27.02
N GLY B 199 -14.11 -7.25 26.29
CA GLY B 199 -15.52 -7.02 26.12
C GLY B 199 -15.89 -5.84 25.23
N VAL B 200 -15.04 -5.52 24.26
CA VAL B 200 -15.31 -4.43 23.32
C VAL B 200 -15.84 -4.96 22.00
N ALA B 201 -15.18 -5.98 21.45
CA ALA B 201 -15.64 -6.62 20.21
C ALA B 201 -16.50 -7.83 20.55
N SER B 202 -17.59 -7.98 19.81
CA SER B 202 -18.50 -9.10 20.04
C SER B 202 -17.87 -10.41 19.55
N ALA B 203 -18.49 -11.53 19.95
CA ALA B 203 -18.05 -12.82 19.46
C ALA B 203 -18.33 -12.98 17.98
N LEU B 204 -19.34 -12.27 17.46
CA LEU B 204 -19.59 -12.24 16.03
C LEU B 204 -18.37 -11.75 15.26
N ASP B 205 -17.78 -10.65 15.73
CA ASP B 205 -16.57 -10.11 15.10
C ASP B 205 -15.42 -11.11 15.17
N LEU B 206 -15.26 -11.78 16.30
CA LEU B 206 -14.20 -12.76 16.46
C LEU B 206 -14.37 -13.93 15.49
N ARG B 207 -15.60 -14.41 15.33
CA ARG B 207 -15.85 -15.51 14.41
C ARG B 207 -15.63 -15.08 12.97
N GLN B 208 -16.01 -13.84 12.62
CA GLN B 208 -15.73 -13.34 11.28
C GLN B 208 -14.23 -13.30 11.00
N ALA B 209 -13.46 -12.77 11.95
CA ALA B 209 -12.00 -12.73 11.78
C ALA B 209 -11.43 -14.13 11.66
N GLN B 210 -11.96 -15.08 12.44
CA GLN B 210 -11.47 -16.46 12.37
C GLN B 210 -11.77 -17.09 11.01
N THR B 211 -12.97 -16.87 10.49
CA THR B 211 -13.30 -17.37 9.16
C THR B 211 -12.36 -16.80 8.10
N ALA B 212 -12.10 -15.50 8.17
CA ALA B 212 -11.17 -14.88 7.23
C ALA B 212 -9.79 -15.52 7.31
N VAL B 213 -9.30 -15.72 8.54
CA VAL B 213 -7.97 -16.30 8.73
C VAL B 213 -7.90 -17.71 8.16
N GLU B 214 -8.93 -18.53 8.42
CA GLU B 214 -8.91 -19.91 7.96
C GLU B 214 -9.00 -19.99 6.44
N GLY B 215 -9.83 -19.13 5.82
CA GLY B 215 -9.88 -19.09 4.37
C GLY B 215 -8.54 -18.70 3.76
N ALA B 216 -7.89 -17.70 4.36
CA ALA B 216 -6.57 -17.29 3.88
C ALA B 216 -5.57 -18.43 4.01
N ARG B 217 -5.63 -19.19 5.11
CA ARG B 217 -4.71 -20.31 5.30
C ARG B 217 -4.93 -21.39 4.23
N ALA B 218 -6.20 -21.72 3.96
CA ALA B 218 -6.49 -22.71 2.93
C ALA B 218 -5.98 -22.26 1.56
N THR B 219 -6.22 -20.99 1.22
CA THR B 219 -5.74 -20.48 -0.07
C THR B 219 -4.22 -20.49 -0.12
N LEU B 220 -3.56 -20.21 1.02
CA LEU B 220 -2.10 -20.24 1.06
C LEU B 220 -1.57 -21.64 0.77
N ALA B 221 -2.16 -22.65 1.41
CA ALA B 221 -1.74 -24.02 1.14
C ALA B 221 -1.96 -24.40 -0.31
N GLN B 222 -3.13 -24.02 -0.87
CA GLN B 222 -3.42 -24.33 -2.26
C GLN B 222 -2.38 -23.71 -3.19
N TYR B 223 -2.06 -22.44 -2.97
CA TYR B 223 -1.11 -21.76 -3.86
C TYR B 223 0.31 -22.30 -3.69
N THR B 224 0.68 -22.73 -2.48
CA THR B 224 1.97 -23.38 -2.31
C THR B 224 2.04 -24.67 -3.15
N ARG B 225 0.99 -25.49 -3.07
CA ARG B 225 0.95 -26.70 -3.89
C ARG B 225 1.03 -26.37 -5.37
N LEU B 226 0.31 -25.33 -5.80
CA LEU B 226 0.29 -24.97 -7.22
C LEU B 226 1.67 -24.50 -7.68
N VAL B 227 2.37 -23.73 -6.85
CA VAL B 227 3.73 -23.29 -7.19
C VAL B 227 4.66 -24.49 -7.32
N ALA B 228 4.57 -25.44 -6.38
CA ALA B 228 5.42 -26.62 -6.45
C ALA B 228 5.15 -27.42 -7.73
N GLN B 229 3.87 -27.60 -8.08
CA GLN B 229 3.55 -28.39 -9.26
C GLN B 229 3.91 -27.65 -10.55
N ASP B 230 3.83 -26.32 -10.55
CA ASP B 230 4.32 -25.57 -11.69
C ASP B 230 5.83 -25.73 -11.86
N GLN B 231 6.57 -25.72 -10.74
CA GLN B 231 8.00 -26.00 -10.81
C GLN B 231 8.27 -27.38 -11.40
N ASN B 232 7.49 -28.38 -10.98
CA ASN B 232 7.66 -29.73 -11.51
C ASN B 232 7.40 -29.77 -13.01
N ALA B 233 6.32 -29.11 -13.46
CA ALA B 233 6.00 -29.11 -14.89
C ALA B 233 7.08 -28.39 -15.69
N LEU B 234 7.63 -27.29 -15.14
CA LEU B 234 8.71 -26.60 -15.83
C LEU B 234 9.95 -27.48 -15.92
N VAL B 235 10.27 -28.21 -14.84
CA VAL B 235 11.41 -29.12 -14.88
C VAL B 235 11.20 -30.20 -15.93
N LEU B 236 9.97 -30.71 -16.04
CA LEU B 236 9.68 -31.70 -17.07
C LEU B 236 9.86 -31.13 -18.47
N LEU B 237 9.38 -29.90 -18.70
CA LEU B 237 9.53 -29.30 -20.01
C LEU B 237 10.98 -28.96 -20.33
N LEU B 238 11.80 -28.70 -19.31
CA LEU B 238 13.19 -28.34 -19.55
C LEU B 238 14.05 -29.54 -19.93
N GLY B 239 13.69 -30.73 -19.46
CA GLY B 239 14.51 -31.91 -19.66
C GLY B 239 15.72 -31.99 -18.75
N SER B 240 15.88 -31.07 -17.81
CA SER B 240 16.99 -31.07 -16.87
C SER B 240 16.60 -30.24 -15.67
N GLY B 241 17.52 -30.11 -14.73
CA GLY B 241 17.26 -29.34 -13.52
C GLY B 241 17.27 -27.85 -13.78
N ILE B 242 16.87 -27.11 -12.76
CA ILE B 242 16.86 -25.64 -12.84
C ILE B 242 18.27 -25.13 -12.54
N PRO B 243 18.84 -24.29 -13.41
CA PRO B 243 20.19 -23.78 -13.15
C PRO B 243 20.24 -22.93 -11.89
N ALA B 244 21.39 -22.96 -11.22
CA ALA B 244 21.61 -22.20 -10.00
C ALA B 244 22.00 -20.75 -10.26
N ASN B 245 22.64 -20.47 -11.38
CA ASN B 245 23.09 -19.11 -11.72
C ASN B 245 22.20 -18.48 -12.77
N LEU B 246 20.88 -18.55 -12.57
CA LEU B 246 19.96 -17.94 -13.50
C LEU B 246 20.01 -16.41 -13.38
N PRO B 247 19.80 -15.69 -14.47
CA PRO B 247 19.78 -14.23 -14.41
C PRO B 247 18.58 -13.74 -13.62
N GLN B 248 18.60 -12.44 -13.32
CA GLN B 248 17.51 -11.82 -12.57
C GLN B 248 16.28 -11.70 -13.46
N GLY B 249 15.18 -12.30 -13.02
CA GLY B 249 13.97 -12.29 -13.81
C GLY B 249 13.15 -11.03 -13.63
N LEU B 250 12.27 -10.79 -14.60
CA LEU B 250 11.40 -9.63 -14.59
C LEU B 250 10.02 -10.00 -14.03
N GLY B 251 9.41 -9.07 -13.30
CA GLY B 251 8.10 -9.31 -12.75
C GLY B 251 6.99 -9.18 -13.78
N LEU B 252 5.79 -9.58 -13.37
CA LEU B 252 4.64 -9.51 -14.27
C LEU B 252 4.28 -8.07 -14.63
N ASP B 253 4.53 -7.13 -13.72
CA ASP B 253 4.18 -5.74 -13.96
C ASP B 253 5.12 -5.03 -14.91
N GLN B 254 6.13 -5.71 -15.45
CA GLN B 254 7.07 -5.13 -16.38
C GLN B 254 6.76 -5.58 -17.80
N THR B 255 7.47 -4.99 -18.76
CA THR B 255 7.35 -5.37 -20.17
C THR B 255 8.06 -6.69 -20.38
N LEU B 256 7.30 -7.76 -20.59
CA LEU B 256 7.86 -9.09 -20.73
C LEU B 256 8.01 -9.54 -22.18
N LEU B 257 7.20 -9.01 -23.10
CA LEU B 257 7.20 -9.45 -24.48
C LEU B 257 7.34 -8.26 -25.41
N THR B 258 7.77 -8.55 -26.64
CA THR B 258 7.79 -7.57 -27.72
C THR B 258 6.54 -7.75 -28.56
N GLU B 259 5.84 -6.65 -28.85
CA GLU B 259 4.62 -6.74 -29.64
C GLU B 259 4.95 -7.22 -31.05
N VAL B 260 4.38 -8.35 -31.43
CA VAL B 260 4.67 -9.01 -32.69
C VAL B 260 3.60 -8.61 -33.71
N PRO B 261 3.97 -8.25 -34.94
CA PRO B 261 2.95 -7.87 -35.91
C PRO B 261 2.16 -9.06 -36.41
N ALA B 262 0.91 -8.81 -36.77
CA ALA B 262 0.04 -9.87 -37.26
C ALA B 262 0.32 -10.20 -38.73
N GLY B 263 0.49 -9.18 -39.56
CA GLY B 263 0.72 -9.44 -40.97
C GLY B 263 -0.56 -9.86 -41.68
N LEU B 264 -0.36 -10.51 -42.83
CA LEU B 264 -1.47 -11.02 -43.61
C LEU B 264 -1.60 -12.53 -43.45
N PRO B 265 -2.81 -13.08 -43.64
CA PRO B 265 -2.96 -14.55 -43.52
C PRO B 265 -2.12 -15.32 -44.51
N SER B 266 -1.94 -14.79 -45.73
CA SER B 266 -1.15 -15.48 -46.74
C SER B 266 0.28 -15.74 -46.27
N ASP B 267 0.79 -14.89 -45.37
CA ASP B 267 2.12 -15.11 -44.82
C ASP B 267 2.25 -16.50 -44.21
N LEU B 268 1.16 -16.98 -43.57
CA LEU B 268 1.17 -18.33 -43.01
C LEU B 268 1.58 -19.36 -44.05
N LEU B 269 1.06 -19.22 -45.28
CA LEU B 269 1.37 -20.17 -46.34
C LEU B 269 2.86 -20.32 -46.59
N GLN B 270 3.66 -19.35 -46.17
CA GLN B 270 5.12 -19.41 -46.31
C GLN B 270 5.85 -19.36 -44.98
N ARG B 271 5.15 -19.18 -43.87
CA ARG B 271 5.82 -18.97 -42.59
C ARG B 271 5.53 -20.02 -41.54
N ARG B 272 4.30 -20.52 -41.48
CA ARG B 272 3.97 -21.47 -40.40
C ARG B 272 4.53 -22.85 -40.73
N PRO B 273 5.19 -23.51 -39.79
CA PRO B 273 5.89 -24.76 -40.15
C PRO B 273 4.97 -25.92 -40.46
N ASP B 274 3.87 -26.10 -39.73
CA ASP B 274 3.02 -27.28 -39.96
C ASP B 274 2.28 -27.17 -41.29
N ILE B 275 1.98 -25.96 -41.75
CA ILE B 275 1.39 -25.79 -43.07
C ILE B 275 2.37 -26.25 -44.15
N LEU B 276 3.65 -25.90 -44.00
CA LEU B 276 4.65 -26.40 -44.93
C LEU B 276 4.83 -27.90 -44.83
N GLU B 277 4.67 -28.45 -43.62
CA GLU B 277 4.71 -29.91 -43.45
C GLU B 277 3.59 -30.58 -44.24
N ALA B 278 2.37 -30.04 -44.13
CA ALA B 278 1.25 -30.58 -44.89
C ALA B 278 1.49 -30.44 -46.39
N GLU B 279 2.07 -29.31 -46.81
CA GLU B 279 2.36 -29.11 -48.22
C GLU B 279 3.37 -30.14 -48.74
N HIS B 280 4.41 -30.42 -47.94
CA HIS B 280 5.40 -31.40 -48.36
C HIS B 280 4.81 -32.81 -48.37
N GLN B 281 3.90 -33.11 -47.44
CA GLN B 281 3.19 -34.38 -47.49
C GLN B 281 2.33 -34.48 -48.75
N LEU B 282 1.71 -33.36 -49.15
CA LEU B 282 0.96 -33.34 -50.40
C LEU B 282 1.86 -33.61 -51.60
N MET B 283 3.04 -33.00 -51.63
CA MET B 283 3.97 -33.24 -52.72
C MET B 283 4.46 -34.69 -52.72
N ALA B 284 4.63 -35.28 -51.54
CA ALA B 284 4.97 -36.70 -51.46
C ALA B 284 3.85 -37.58 -52.02
N ALA B 285 2.59 -37.22 -51.73
CA ALA B 285 1.48 -37.94 -52.32
C ALA B 285 1.45 -37.79 -53.84
N ASN B 286 1.85 -36.61 -54.33
CA ASN B 286 1.94 -36.41 -55.77
C ASN B 286 3.01 -37.31 -56.39
N ALA B 287 4.16 -37.41 -55.74
CA ALA B 287 5.20 -38.32 -56.22
C ALA B 287 4.73 -39.78 -56.17
N SER B 288 3.93 -40.13 -55.15
CA SER B 288 3.37 -41.48 -55.11
C SER B 288 2.40 -41.70 -56.27
N ILE B 289 1.65 -40.66 -56.65
CA ILE B 289 0.82 -40.75 -57.85
C ILE B 289 1.68 -41.02 -59.07
N GLY B 290 2.81 -40.31 -59.19
CA GLY B 290 3.71 -40.57 -60.30
C GLY B 290 4.21 -42.00 -60.32
N ALA B 291 4.58 -42.53 -59.16
CA ALA B 291 5.05 -43.91 -59.08
C ALA B 291 3.95 -44.89 -59.46
N ALA B 292 2.71 -44.59 -59.06
CA ALA B 292 1.59 -45.46 -59.41
C ALA B 292 1.32 -45.42 -60.91
N ARG B 293 1.45 -44.25 -61.53
CA ARG B 293 1.29 -44.14 -62.98
C ARG B 293 2.38 -44.90 -63.71
N ALA B 294 3.61 -44.90 -63.16
CA ALA B 294 4.71 -45.59 -63.80
C ALA B 294 4.59 -47.11 -63.73
N ALA B 295 3.49 -47.65 -63.19
CA ALA B 295 3.30 -49.09 -63.10
C ALA B 295 2.58 -49.67 -64.32
N PHE B 296 1.97 -48.83 -65.15
CA PHE B 296 1.31 -49.31 -66.36
C PHE B 296 2.29 -49.55 -67.49
N PHE B 297 3.41 -48.84 -67.50
CA PHE B 297 4.39 -48.84 -68.57
C PHE B 297 5.37 -50.00 -68.41
N PRO B 298 6.08 -50.37 -69.49
CA PRO B 298 6.98 -51.52 -69.41
C PRO B 298 8.06 -51.34 -68.35
N SER B 299 8.31 -52.41 -67.59
CA SER B 299 9.38 -52.46 -66.61
C SER B 299 10.54 -53.26 -67.17
N ILE B 300 11.75 -52.72 -67.04
CA ILE B 300 12.96 -53.32 -67.60
C ILE B 300 13.81 -53.85 -66.45
N SER B 301 14.22 -55.10 -66.57
CA SER B 301 15.11 -55.74 -65.60
C SER B 301 16.38 -56.19 -66.28
N LEU B 302 17.48 -56.22 -65.53
CA LEU B 302 18.78 -56.60 -66.06
C LEU B 302 19.53 -57.45 -65.05
N THR B 303 19.97 -58.63 -65.47
CA THR B 303 20.80 -59.51 -64.67
C THR B 303 22.13 -59.68 -65.40
N ALA B 304 23.19 -59.09 -64.84
CA ALA B 304 24.47 -59.06 -65.53
C ALA B 304 25.59 -59.41 -64.56
N ASN B 305 26.39 -60.42 -64.90
CA ASN B 305 27.47 -60.85 -64.02
C ASN B 305 28.61 -61.40 -64.85
N ALA B 306 29.76 -61.56 -64.19
CA ALA B 306 30.95 -62.13 -64.81
C ALA B 306 31.79 -62.81 -63.74
N GLY B 307 32.41 -63.93 -64.09
CA GLY B 307 33.20 -64.68 -63.13
C GLY B 307 33.71 -66.00 -63.66
N THR B 308 33.71 -67.03 -62.82
CA THR B 308 34.17 -68.35 -63.19
C THR B 308 33.07 -69.38 -62.95
N MET B 309 33.01 -70.39 -63.82
CA MET B 309 32.07 -71.49 -63.66
C MET B 309 32.78 -72.79 -64.01
N SER B 310 32.25 -73.89 -63.46
CA SER B 310 32.89 -75.19 -63.64
C SER B 310 31.88 -76.29 -63.30
N ARG B 311 32.30 -77.53 -63.49
CA ARG B 311 31.53 -78.69 -63.08
C ARG B 311 31.99 -79.27 -61.75
N GLN B 312 33.25 -79.06 -61.39
CA GLN B 312 33.78 -79.50 -60.10
C GLN B 312 34.42 -78.32 -59.39
N LEU B 313 34.48 -78.42 -58.05
CA LEU B 313 34.97 -77.32 -57.24
C LEU B 313 36.46 -77.06 -57.45
N SER B 314 37.23 -78.10 -57.80
CA SER B 314 38.67 -77.94 -57.93
C SER B 314 39.05 -77.12 -59.16
N GLY B 315 38.21 -77.13 -60.20
CA GLY B 315 38.52 -76.41 -61.42
C GLY B 315 37.78 -75.10 -61.57
N LEU B 316 37.64 -74.36 -60.48
CA LEU B 316 36.94 -73.07 -60.52
C LEU B 316 37.68 -71.84 -61.05
N PHE B 317 38.81 -71.52 -60.44
CA PHE B 317 39.67 -70.42 -60.89
C PHE B 317 40.80 -70.88 -61.81
N ASP B 318 40.53 -71.81 -62.73
CA ASP B 318 41.52 -72.24 -63.69
C ASP B 318 41.44 -71.40 -64.96
N ALA B 319 42.41 -71.59 -65.84
CA ALA B 319 42.43 -70.88 -67.10
C ALA B 319 41.36 -71.42 -68.04
N GLY B 320 40.71 -70.51 -68.77
CA GLY B 320 39.66 -70.89 -69.70
C GLY B 320 38.31 -71.18 -69.07
N SER B 321 38.20 -71.06 -67.75
CA SER B 321 36.94 -71.29 -67.05
C SER B 321 36.12 -70.01 -66.90
N GLY B 322 36.49 -68.94 -67.59
CA GLY B 322 35.76 -67.69 -67.47
C GLY B 322 34.36 -67.80 -68.03
N SER B 323 33.49 -66.92 -67.54
CA SER B 323 32.09 -66.94 -67.93
C SER B 323 31.48 -65.57 -67.64
N TRP B 324 30.40 -65.27 -68.34
CA TRP B 324 29.63 -64.06 -68.07
C TRP B 324 28.19 -64.30 -68.49
N LEU B 325 27.29 -63.45 -67.97
CA LEU B 325 25.87 -63.59 -68.21
C LEU B 325 25.26 -62.21 -68.37
N PHE B 326 24.50 -62.02 -69.44
CA PHE B 326 23.77 -60.80 -69.71
C PHE B 326 22.32 -61.18 -70.03
N GLN B 327 21.39 -60.74 -69.18
CA GLN B 327 20.01 -61.19 -69.26
C GLN B 327 19.08 -60.00 -69.06
N PRO B 328 18.66 -59.37 -70.16
CA PRO B 328 17.63 -58.32 -70.07
C PRO B 328 16.23 -58.89 -70.19
N SER B 329 15.29 -58.19 -69.56
CA SER B 329 13.89 -58.59 -69.54
C SER B 329 13.02 -57.36 -69.61
N ILE B 330 11.89 -57.47 -70.30
CA ILE B 330 10.93 -56.39 -70.42
C ILE B 330 9.53 -56.95 -70.16
N ASN B 331 8.82 -56.34 -69.21
CA ASN B 331 7.46 -56.76 -68.88
C ASN B 331 6.48 -55.63 -69.20
N LEU B 332 5.36 -55.99 -69.80
CA LEU B 332 4.32 -55.03 -70.14
C LEU B 332 2.97 -55.58 -69.69
N PRO B 333 2.35 -54.99 -68.67
CA PRO B 333 1.04 -55.48 -68.22
C PRO B 333 -0.03 -55.26 -69.28
N ILE B 334 -0.77 -56.32 -69.59
CA ILE B 334 -1.84 -56.29 -70.57
C ILE B 334 -3.21 -56.39 -69.92
N PHE B 335 -3.43 -57.43 -69.12
CA PHE B 335 -4.69 -57.64 -68.43
C PHE B 335 -4.45 -57.67 -66.92
N THR B 336 -5.03 -56.74 -66.18
CA THR B 336 -4.95 -56.83 -64.72
C THR B 336 -6.35 -56.50 -64.25
N ALA B 337 -6.95 -57.27 -63.36
CA ALA B 337 -8.33 -56.90 -62.97
C ALA B 337 -7.83 -55.56 -62.45
N GLY B 338 -8.41 -54.45 -62.91
CA GLY B 338 -8.35 -53.11 -62.30
C GLY B 338 -7.41 -53.13 -61.11
N SER B 339 -6.27 -53.78 -61.15
CA SER B 339 -5.43 -53.77 -59.95
C SER B 339 -4.64 -52.47 -60.07
N LEU B 340 -3.98 -52.27 -61.21
CA LEU B 340 -3.22 -51.04 -61.41
C LEU B 340 -4.13 -49.82 -61.46
N ARG B 341 -5.33 -49.98 -62.03
CA ARG B 341 -6.28 -48.87 -62.06
C ARG B 341 -6.72 -48.51 -60.65
N ALA B 342 -6.97 -49.51 -59.80
CA ALA B 342 -7.36 -49.23 -58.42
C ALA B 342 -6.20 -48.62 -57.64
N SER B 343 -4.96 -49.03 -57.93
CA SER B 343 -3.82 -48.40 -57.28
C SER B 343 -3.67 -46.94 -57.69
N LEU B 344 -3.93 -46.64 -58.96
CA LEU B 344 -3.90 -45.25 -59.41
C LEU B 344 -5.00 -44.44 -58.74
N ASP B 345 -6.20 -45.03 -58.61
CA ASP B 345 -7.26 -44.36 -57.88
C ASP B 345 -6.87 -44.11 -56.43
N TYR B 346 -6.21 -45.10 -55.80
CA TYR B 346 -5.76 -44.93 -54.42
C TYR B 346 -4.76 -43.79 -54.31
N ALA B 347 -3.84 -43.69 -55.27
CA ALA B 347 -2.85 -42.60 -55.24
C ALA B 347 -3.53 -41.24 -55.39
N LYS B 348 -4.47 -41.13 -56.34
CA LYS B 348 -5.18 -39.86 -56.52
C LYS B 348 -5.99 -39.50 -55.27
N ILE B 349 -6.57 -40.52 -54.62
CA ILE B 349 -7.34 -40.28 -53.40
C ILE B 349 -6.43 -39.82 -52.28
N GLN B 350 -5.22 -40.38 -52.19
CA GLN B 350 -4.27 -39.93 -51.18
C GLN B 350 -3.85 -38.50 -51.43
N LYS B 351 -3.67 -38.12 -52.70
CA LYS B 351 -3.37 -36.72 -53.00
C LYS B 351 -4.52 -35.81 -52.59
N ASP B 352 -5.76 -36.23 -52.84
CA ASP B 352 -6.91 -35.43 -52.40
C ASP B 352 -6.96 -35.33 -50.88
N ILE B 353 -6.63 -36.42 -50.18
CA ILE B 353 -6.57 -36.39 -48.72
C ILE B 353 -5.57 -35.35 -48.24
N ASN B 354 -4.37 -35.37 -48.85
CA ASN B 354 -3.35 -34.40 -48.44
C ASN B 354 -3.74 -32.97 -48.81
N VAL B 355 -4.44 -32.78 -49.92
CA VAL B 355 -4.97 -31.45 -50.26
C VAL B 355 -5.91 -30.96 -49.17
N ALA B 356 -6.86 -31.82 -48.77
CA ALA B 356 -7.82 -31.43 -47.76
C ALA B 356 -7.15 -31.16 -46.42
N GLN B 357 -6.12 -31.95 -46.08
CA GLN B 357 -5.42 -31.74 -44.82
C GLN B 357 -4.60 -30.46 -44.85
N TYR B 358 -4.00 -30.13 -45.99
CA TYR B 358 -3.30 -28.86 -46.15
C TYR B 358 -4.26 -27.68 -45.97
N GLU B 359 -5.45 -27.77 -46.59
CA GLU B 359 -6.44 -26.71 -46.42
C GLU B 359 -6.91 -26.61 -44.97
N LYS B 360 -7.08 -27.74 -44.30
CA LYS B 360 -7.49 -27.72 -42.90
C LYS B 360 -6.41 -27.11 -42.02
N ALA B 361 -5.13 -27.38 -42.33
CA ALA B 361 -4.06 -26.76 -41.58
C ALA B 361 -4.07 -25.24 -41.76
N ILE B 362 -4.29 -24.79 -42.99
CA ILE B 362 -4.40 -23.36 -43.25
C ILE B 362 -5.53 -22.75 -42.42
N GLN B 363 -6.69 -23.41 -42.43
CA GLN B 363 -7.85 -22.88 -41.70
C GLN B 363 -7.61 -22.88 -40.19
N THR B 364 -6.95 -23.91 -39.66
CA THR B 364 -6.66 -23.95 -38.24
C THR B 364 -5.69 -22.86 -37.84
N ALA B 365 -4.67 -22.62 -38.67
CA ALA B 365 -3.75 -21.51 -38.42
C ALA B 365 -4.50 -20.18 -38.42
N PHE B 366 -5.41 -19.99 -39.38
CA PHE B 366 -6.19 -18.75 -39.44
C PHE B 366 -7.03 -18.58 -38.17
N GLN B 367 -7.68 -19.65 -37.72
CA GLN B 367 -8.51 -19.57 -36.52
C GLN B 367 -7.66 -19.23 -35.29
N GLU B 368 -6.49 -19.86 -35.16
CA GLU B 368 -5.63 -19.60 -34.01
C GLU B 368 -5.14 -18.16 -34.01
N VAL B 369 -4.73 -17.65 -35.18
CA VAL B 369 -4.24 -16.28 -35.23
C VAL B 369 -5.38 -15.29 -34.99
N ALA B 370 -6.60 -15.61 -35.44
CA ALA B 370 -7.72 -14.73 -35.18
C ALA B 370 -8.06 -14.70 -33.69
N ASP B 371 -7.98 -15.85 -33.02
CA ASP B 371 -8.16 -15.86 -31.57
C ASP B 371 -7.09 -15.02 -30.88
N GLY B 372 -5.84 -15.15 -31.33
CA GLY B 372 -4.78 -14.33 -30.75
C GLY B 372 -5.02 -12.85 -30.94
N LEU B 373 -5.53 -12.46 -32.11
CA LEU B 373 -5.78 -11.05 -32.37
C LEU B 373 -6.95 -10.53 -31.54
N ALA B 374 -8.01 -11.34 -31.38
CA ALA B 374 -9.10 -10.95 -30.50
C ALA B 374 -8.61 -10.77 -29.07
N ALA B 375 -7.73 -11.68 -28.62
CA ALA B 375 -7.15 -11.54 -27.29
C ALA B 375 -6.34 -10.25 -27.17
N ARG B 376 -5.52 -9.96 -28.18
CA ARG B 376 -4.75 -8.71 -28.16
C ARG B 376 -5.67 -7.50 -28.10
N GLY B 377 -6.81 -7.57 -28.79
CA GLY B 377 -7.72 -6.43 -28.82
C GLY B 377 -8.57 -6.27 -27.56
N THR B 378 -8.77 -7.33 -26.80
CA THR B 378 -9.65 -7.25 -25.63
C THR B 378 -8.91 -7.20 -24.30
N PHE B 379 -7.76 -7.87 -24.18
CA PHE B 379 -7.12 -8.00 -22.88
C PHE B 379 -6.61 -6.67 -22.35
N THR B 380 -6.23 -5.74 -23.22
CA THR B 380 -5.79 -4.43 -22.74
C THR B 380 -6.92 -3.70 -22.02
N GLU B 381 -8.09 -3.63 -22.64
CA GLU B 381 -9.24 -3.01 -22.01
C GLU B 381 -9.64 -3.75 -20.74
N GLN B 382 -9.61 -5.09 -20.77
CA GLN B 382 -9.98 -5.86 -19.58
C GLN B 382 -9.00 -5.61 -18.44
N LEU B 383 -7.71 -5.52 -18.74
CA LEU B 383 -6.71 -5.28 -17.70
C LEU B 383 -6.82 -3.87 -17.15
N GLN B 384 -7.13 -2.89 -18.00
CA GLN B 384 -7.35 -1.54 -17.50
C GLN B 384 -8.56 -1.50 -16.57
N ALA B 385 -9.65 -2.17 -16.96
CA ALA B 385 -10.83 -2.22 -16.10
C ALA B 385 -10.54 -2.93 -14.79
N GLN B 386 -9.72 -3.99 -14.83
CA GLN B 386 -9.40 -4.71 -13.59
C GLN B 386 -8.47 -3.89 -12.70
N ARG B 387 -7.54 -3.14 -13.31
CA ARG B 387 -6.73 -2.19 -12.54
C ARG B 387 -7.62 -1.18 -11.82
N ASP B 388 -8.59 -0.61 -12.54
CA ASP B 388 -9.50 0.35 -11.93
C ASP B 388 -10.34 -0.30 -10.84
N LEU B 389 -10.72 -1.56 -11.04
CA LEU B 389 -11.49 -2.27 -10.02
C LEU B 389 -10.67 -2.49 -8.76
N VAL B 390 -9.41 -2.91 -8.91
CA VAL B 390 -8.54 -3.08 -7.74
C VAL B 390 -8.34 -1.76 -7.04
N LYS B 391 -8.14 -0.68 -7.81
CA LYS B 391 -7.95 0.64 -7.21
C LYS B 391 -9.18 1.08 -6.43
N ALA B 392 -10.36 0.91 -7.02
CA ALA B 392 -11.59 1.32 -6.34
C ALA B 392 -11.86 0.47 -5.11
N SER B 393 -11.55 -0.82 -5.18
CA SER B 393 -11.68 -1.68 -4.01
C SER B 393 -10.72 -1.23 -2.90
N ASP B 394 -9.51 -0.80 -3.29
CA ASP B 394 -8.57 -0.30 -2.30
C ASP B 394 -9.07 1.00 -1.66
N GLU B 395 -9.63 1.90 -2.47
CA GLU B 395 -10.19 3.14 -1.93
C GLU B 395 -11.35 2.85 -0.98
N TYR B 396 -12.23 1.93 -1.36
CA TYR B 396 -13.36 1.56 -0.51
C TYR B 396 -12.89 0.92 0.79
N TYR B 397 -11.86 0.06 0.70
CA TYR B 397 -11.32 -0.54 1.91
C TYR B 397 -10.70 0.50 2.83
N GLN B 398 -10.00 1.49 2.27
CA GLN B 398 -9.42 2.54 3.09
C GLN B 398 -10.51 3.38 3.76
N LEU B 399 -11.59 3.67 3.02
CA LEU B 399 -12.71 4.40 3.62
C LEU B 399 -13.33 3.61 4.76
N ALA B 400 -13.59 2.31 4.53
CA ALA B 400 -14.18 1.47 5.57
C ALA B 400 -13.25 1.36 6.78
N ASP B 401 -11.94 1.31 6.54
CA ASP B 401 -10.98 1.22 7.64
C ASP B 401 -10.96 2.50 8.46
N LYS B 402 -10.94 3.65 7.78
CA LYS B 402 -10.97 4.92 8.49
C LYS B 402 -12.27 5.10 9.27
N LEU B 403 -13.39 4.58 8.75
CA LEU B 403 -14.63 4.64 9.51
C LEU B 403 -14.62 3.65 10.68
N PHE B 404 -13.95 2.50 10.52
CA PHE B 404 -13.92 1.52 11.60
C PHE B 404 -12.98 2.07 12.66
N ARG B 405 -11.82 2.59 12.24
CA ARG B 405 -10.93 3.17 13.24
C ARG B 405 -11.45 4.43 14.01
N THR B 406 -12.48 5.05 13.44
CA THR B 406 -13.28 6.06 14.13
C THR B 406 -14.40 5.65 15.08
N GLY B 407 -14.59 4.35 15.28
CA GLY B 407 -15.63 3.87 16.18
C GLY B 407 -17.02 4.00 15.61
N VAL B 408 -17.19 3.50 14.38
CA VAL B 408 -18.52 3.56 13.69
C VAL B 408 -19.14 2.30 13.07
N ASP B 409 -18.52 1.77 12.03
CA ASP B 409 -18.85 0.42 11.46
C ASP B 409 -18.34 -0.68 12.38
N ASN B 410 -19.24 -1.57 12.82
CA ASN B 410 -18.89 -2.69 13.69
C ASN B 410 -18.36 -3.83 12.82
N TYR B 411 -17.12 -3.67 12.32
CA TYR B 411 -16.30 -4.66 11.58
C TYR B 411 -16.93 -5.16 10.28
N GLY B 412 -18.08 -5.85 10.36
CA GLY B 412 -18.72 -6.55 9.25
C GLY B 412 -18.37 -6.13 7.84
N THR B 413 -18.43 -4.82 7.56
CA THR B 413 -18.24 -4.35 6.19
C THR B 413 -16.76 -4.27 5.81
N LEU B 414 -15.89 -3.96 6.78
CA LEU B 414 -14.47 -3.86 6.49
C LEU B 414 -13.90 -5.19 6.00
N LEU B 415 -14.32 -6.29 6.61
CA LEU B 415 -13.84 -7.60 6.19
C LEU B 415 -14.30 -7.94 4.77
N ALA B 416 -15.55 -7.57 4.43
CA ALA B 416 -16.02 -7.79 3.07
C ALA B 416 -15.23 -6.95 2.07
N ALA B 417 -14.87 -5.72 2.47
CA ALA B 417 -14.03 -4.89 1.61
C ALA B 417 -12.67 -5.55 1.38
N GLN B 418 -12.06 -6.08 2.45
CA GLN B 418 -10.77 -6.77 2.31
C GLN B 418 -10.90 -7.98 1.39
N ALA B 419 -11.97 -8.75 1.55
CA ALA B 419 -12.16 -9.93 0.71
C ALA B 419 -12.35 -9.55 -0.75
N SER B 420 -13.12 -8.49 -1.02
CA SER B 420 -13.30 -8.04 -2.39
C SER B 420 -11.99 -7.56 -2.99
N LEU B 421 -11.17 -6.87 -2.20
CA LEU B 421 -9.86 -6.43 -2.69
C LEU B 421 -8.97 -7.62 -3.03
N PHE B 422 -8.95 -8.63 -2.16
CA PHE B 422 -8.15 -9.82 -2.42
C PHE B 422 -8.62 -10.54 -3.69
N THR B 423 -9.94 -10.66 -3.86
CA THR B 423 -10.47 -11.30 -5.06
C THR B 423 -10.11 -10.52 -6.31
N ALA B 424 -10.21 -9.18 -6.24
CA ALA B 424 -9.88 -8.36 -7.41
C ALA B 424 -8.40 -8.49 -7.77
N GLN B 425 -7.53 -8.56 -6.76
CA GLN B 425 -6.10 -8.70 -7.05
C GLN B 425 -5.79 -10.07 -7.65
N GLN B 426 -6.42 -11.13 -7.12
CA GLN B 426 -6.24 -12.45 -7.72
C GLN B 426 -6.72 -12.47 -9.17
N GLN B 427 -7.87 -11.83 -9.44
CA GLN B 427 -8.37 -11.79 -10.81
C GLN B 427 -7.46 -10.98 -11.72
N LEU B 428 -6.84 -9.92 -11.19
CA LEU B 428 -5.88 -9.16 -11.98
C LEU B 428 -4.67 -10.01 -12.36
N ILE B 429 -4.15 -10.77 -11.39
CA ILE B 429 -3.02 -11.66 -11.70
C ILE B 429 -3.43 -12.69 -12.75
N THR B 430 -4.63 -13.26 -12.62
CA THR B 430 -5.09 -14.25 -13.58
C THR B 430 -5.24 -13.63 -14.97
N ASP B 431 -5.79 -12.43 -15.06
CA ASP B 431 -5.95 -11.78 -16.36
C ASP B 431 -4.60 -11.45 -16.98
N ARG B 432 -3.63 -11.03 -16.17
CA ARG B 432 -2.28 -10.79 -16.69
C ARG B 432 -1.69 -12.07 -17.27
N LEU B 433 -1.81 -13.17 -16.52
CA LEU B 433 -1.29 -14.46 -17.00
C LEU B 433 -1.97 -14.87 -18.29
N ASN B 434 -3.29 -14.68 -18.38
CA ASN B 434 -4.02 -15.08 -19.58
C ASN B 434 -3.64 -14.23 -20.78
N GLN B 435 -3.44 -12.92 -20.58
CA GLN B 435 -3.01 -12.06 -21.67
C GLN B 435 -1.63 -12.46 -22.16
N LEU B 436 -0.70 -12.73 -21.24
CA LEU B 436 0.63 -13.16 -21.65
C LEU B 436 0.60 -14.49 -22.39
N THR B 437 -0.21 -15.44 -21.91
CA THR B 437 -0.34 -16.72 -22.59
C THR B 437 -0.93 -16.55 -23.98
N SER B 438 -1.91 -15.66 -24.12
CA SER B 438 -2.52 -15.40 -25.42
C SER B 438 -1.51 -14.81 -26.39
N GLU B 439 -0.68 -13.87 -25.92
CA GLU B 439 0.32 -13.28 -26.80
C GLU B 439 1.37 -14.33 -27.20
N VAL B 440 1.78 -15.19 -26.27
CA VAL B 440 2.75 -16.24 -26.59
C VAL B 440 2.16 -17.21 -27.60
N ASN B 441 0.88 -17.56 -27.45
CA ASN B 441 0.26 -18.48 -28.39
C ASN B 441 0.09 -17.85 -29.76
N LEU B 442 -0.20 -16.55 -29.81
CA LEU B 442 -0.24 -15.85 -31.09
C LEU B 442 1.14 -15.85 -31.75
N TYR B 443 2.19 -15.62 -30.96
CA TYR B 443 3.55 -15.68 -31.49
C TYR B 443 3.87 -17.05 -32.07
N LYS B 444 3.43 -18.11 -31.38
CA LYS B 444 3.66 -19.47 -31.89
C LYS B 444 2.85 -19.73 -33.16
N ALA B 445 1.60 -19.27 -33.19
CA ALA B 445 0.75 -19.55 -34.34
C ALA B 445 1.21 -18.81 -35.58
N LEU B 446 1.74 -17.59 -35.42
CA LEU B 446 2.20 -16.82 -36.57
C LEU B 446 3.46 -17.40 -37.18
N GLY B 447 4.20 -18.22 -36.44
CA GLY B 447 5.43 -18.84 -36.98
C GLY B 447 6.34 -19.33 -35.86
N GLY B 448 6.08 -18.85 -34.63
CA GLY B 448 6.89 -19.26 -33.46
C GLY B 448 8.21 -18.52 -33.40
N GLY B 449 9.24 -19.15 -32.83
CA GLY B 449 10.58 -18.54 -32.71
C GLY B 449 11.67 -19.47 -33.21
N TRP B 450 11.45 -20.11 -34.36
CA TRP B 450 12.43 -21.03 -34.93
C TRP B 450 13.81 -20.39 -35.00
N ASN B 451 13.87 -19.08 -35.25
CA ASN B 451 15.13 -18.36 -35.23
C ASN B 451 15.41 -17.83 -33.83
N GLN B 452 16.68 -17.90 -33.42
CA GLN B 452 17.06 -17.36 -32.13
C GLN B 452 17.11 -15.84 -32.17
N GLN B 453 17.78 -15.28 -33.17
CA GLN B 453 17.86 -13.84 -33.36
C GLN B 453 17.00 -13.44 -34.55
N THR B 454 16.74 -12.13 -34.64
CA THR B 454 15.90 -11.62 -35.71
C THR B 454 16.65 -11.68 -37.04
N VAL B 455 15.99 -12.21 -38.06
CA VAL B 455 16.58 -12.35 -39.38
C VAL B 455 16.16 -11.17 -40.26
C1 PLM C . -24.44 64.01 41.10
O2 PLM C . -23.29 64.41 40.75
C2 PLM C . -25.50 65.12 41.44
C3 PLM C . -25.48 65.63 42.88
C4 PLM C . -26.72 66.45 43.27
C5 PLM C . -26.62 67.11 44.65
C6 PLM C . -25.41 68.05 44.80
C7 PLM C . -25.35 68.75 46.17
C8 PLM C . -24.13 69.66 46.33
C1 BOG D . 2.22 73.68 42.34
O1 BOG D . 2.52 74.86 42.93
C2 BOG D . 0.94 73.85 41.52
O2 BOG D . -0.16 74.10 42.41
C3 BOG D . 0.63 72.66 40.71
O3 BOG D . -0.52 72.95 39.85
C4 BOG D . 1.79 72.27 39.84
O4 BOG D . 1.46 71.06 39.15
C5 BOG D . 3.06 72.06 40.66
O5 BOG D . 3.38 73.23 41.49
C6 BOG D . 4.21 71.78 39.71
O6 BOG D . 5.40 72.28 40.26
C1' BOG D . 2.65 74.78 44.36
C2' BOG D . 2.46 76.19 44.98
C3' BOG D . 2.16 76.05 46.49
C4' BOG D . 1.69 77.43 47.09
C5' BOG D . 0.58 77.19 48.15
C6' BOG D . 0.92 77.94 49.46
C7' BOG D . 2.16 77.28 50.13
C8' BOG D . 2.30 77.81 51.57
C1 BOG E . -11.90 56.13 91.73
O1 BOG E . -11.17 55.31 90.92
C2 BOG E . -11.03 57.29 92.20
O2 BOG E . -9.94 56.76 92.99
C3 BOG E . -11.79 58.24 93.04
O3 BOG E . -10.96 59.43 93.29
C4 BOG E . -13.07 58.71 92.41
O4 BOG E . -13.86 59.37 93.39
C5 BOG E . -13.90 57.55 91.81
O5 BOG E . -13.10 56.65 90.98
C6 BOG E . -15.01 58.14 90.99
O6 BOG E . -15.94 58.80 91.84
C1' BOG E . -10.95 54.02 91.49
C2' BOG E . -9.92 53.24 90.63
C3' BOG E . -9.56 51.91 91.34
C4' BOG E . -8.63 51.06 90.40
C1 BOG F . -12.91 67.82 37.15
O1 BOG F . -12.45 68.50 38.23
C2 BOG F . -11.75 67.12 36.44
O2 BOG F . -10.88 68.06 35.80
C3 BOG F . -12.30 66.19 35.43
O3 BOG F . -11.22 65.60 34.63
C4 BOG F . -13.14 65.14 36.10
O4 BOG F . -13.52 64.08 35.18
C5 BOG F . -14.36 65.86 36.68
O5 BOG F . -13.93 66.86 37.68
C6 BOG F . -15.39 64.97 37.35
O6 BOG F . -16.68 65.34 36.90
C1' BOG F . -12.60 69.93 38.19
C2' BOG F . -13.12 70.48 39.55
C3' BOG F . -14.60 70.09 39.76
C4' BOG F . -15.26 71.13 40.74
C5' BOG F . -16.69 70.66 41.10
C6' BOG F . -17.23 71.57 42.21
C7' BOG F . -18.74 71.27 42.43
C8' BOG F . -19.16 71.91 43.77
#